data_6Y14
# 
_entry.id   6Y14 
# 
_audit_conform.dict_name       mmcif_pdbx.dic 
_audit_conform.dict_version    5.397 
_audit_conform.dict_location   http://mmcif.pdb.org/dictionaries/ascii/mmcif_pdbx.dic 
# 
loop_
_database_2.database_id 
_database_2.database_code 
_database_2.pdbx_database_accession 
_database_2.pdbx_DOI 
PDB   6Y14         pdb_00006y14 10.2210/pdb6y14/pdb 
WWPDB D_1292106627 ?            ?                   
# 
loop_
_pdbx_audit_revision_history.ordinal 
_pdbx_audit_revision_history.data_content_type 
_pdbx_audit_revision_history.major_revision 
_pdbx_audit_revision_history.minor_revision 
_pdbx_audit_revision_history.revision_date 
1 'Structure model' 1 0 2021-02-17 
2 'Structure model' 1 1 2021-03-03 
3 'Structure model' 1 2 2021-08-04 
4 'Structure model' 1 3 2022-02-02 
5 'Structure model' 2 0 2023-02-01 
6 'Structure model' 2 1 2024-10-23 
# 
_pdbx_audit_revision_details.ordinal             1 
_pdbx_audit_revision_details.revision_ordinal    1 
_pdbx_audit_revision_details.data_content_type   'Structure model' 
_pdbx_audit_revision_details.provider            repository 
_pdbx_audit_revision_details.type                'Initial release' 
_pdbx_audit_revision_details.description         ? 
_pdbx_audit_revision_details.details             ? 
# 
loop_
_pdbx_audit_revision_group.ordinal 
_pdbx_audit_revision_group.revision_ordinal 
_pdbx_audit_revision_group.data_content_type 
_pdbx_audit_revision_group.group 
1  2 'Structure model' 'Database references'  
2  3 'Structure model' 'Database references'  
3  4 'Structure model' 'Database references'  
4  5 'Structure model' Advisory               
5  5 'Structure model' 'Atomic model'         
6  5 'Structure model' 'Data collection'      
7  5 'Structure model' 'Database references'  
8  5 'Structure model' 'Derived calculations' 
9  5 'Structure model' 'Polymer sequence'     
10 5 'Structure model' 'Source and taxonomy'  
11 5 'Structure model' 'Structure summary'    
12 6 'Structure model' 'Data collection'      
13 6 'Structure model' 'Derived calculations' 
14 6 'Structure model' 'Structure summary'    
# 
loop_
_pdbx_audit_revision_category.ordinal 
_pdbx_audit_revision_category.revision_ordinal 
_pdbx_audit_revision_category.data_content_type 
_pdbx_audit_revision_category.category 
1  2 'Structure model' citation                     
2  2 'Structure model' citation_author              
3  3 'Structure model' citation                     
4  4 'Structure model' citation                     
5  4 'Structure model' citation_author              
6  4 'Structure model' database_2                   
7  5 'Structure model' atom_site                    
8  5 'Structure model' atom_site_anisotrop          
9  5 'Structure model' citation                     
10 5 'Structure model' entity                       
11 5 'Structure model' entity_poly                  
12 5 'Structure model' entity_poly_seq              
13 5 'Structure model' pdbx_entity_nonpoly          
14 5 'Structure model' pdbx_entity_src_syn          
15 5 'Structure model' pdbx_nonpoly_scheme          
16 5 'Structure model' pdbx_poly_seq_scheme         
17 5 'Structure model' pdbx_struct_assembly_gen     
18 5 'Structure model' pdbx_unobs_or_zero_occ_atoms 
19 5 'Structure model' struct_asym                  
20 5 'Structure model' struct_conf                  
21 5 'Structure model' struct_conn                  
22 5 'Structure model' struct_ref_seq               
23 5 'Structure model' struct_site                  
24 5 'Structure model' struct_site_gen              
25 6 'Structure model' chem_comp_atom               
26 6 'Structure model' chem_comp_bond               
27 6 'Structure model' pdbx_entry_details           
28 6 'Structure model' pdbx_modification_feature    
29 6 'Structure model' struct_conn                  
# 
loop_
_pdbx_audit_revision_item.ordinal 
_pdbx_audit_revision_item.revision_ordinal 
_pdbx_audit_revision_item.data_content_type 
_pdbx_audit_revision_item.item 
1  2 'Structure model' '_citation.country'                            
2  2 'Structure model' '_citation.journal_abbrev'                     
3  2 'Structure model' '_citation.journal_id_CSD'                     
4  2 'Structure model' '_citation.pdbx_database_id_DOI'               
5  2 'Structure model' '_citation.title'                              
6  2 'Structure model' '_citation.year'                               
7  3 'Structure model' '_citation.pdbx_database_id_DOI'               
8  4 'Structure model' '_database_2.pdbx_DOI'                         
9  4 'Structure model' '_database_2.pdbx_database_accession'          
10 5 'Structure model' '_atom_site.Cartn_x'                           
11 5 'Structure model' '_atom_site.Cartn_y'                           
12 5 'Structure model' '_atom_site.Cartn_z'                           
13 5 'Structure model' '_atom_site.auth_asym_id'                      
14 5 'Structure model' '_atom_site.auth_atom_id'                      
15 5 'Structure model' '_atom_site.auth_comp_id'                      
16 5 'Structure model' '_atom_site.auth_seq_id'                       
17 5 'Structure model' '_atom_site.group_PDB'                         
18 5 'Structure model' '_atom_site.label_asym_id'                     
19 5 'Structure model' '_atom_site.label_atom_id'                     
20 5 'Structure model' '_atom_site.label_comp_id'                     
21 5 'Structure model' '_atom_site.label_entity_id'                   
22 5 'Structure model' '_atom_site.label_seq_id'                      
23 5 'Structure model' '_atom_site.type_symbol'                       
24 5 'Structure model' '_atom_site_anisotrop.U[1][1]'                 
25 5 'Structure model' '_atom_site_anisotrop.U[1][2]'                 
26 5 'Structure model' '_atom_site_anisotrop.U[1][3]'                 
27 5 'Structure model' '_atom_site_anisotrop.U[2][2]'                 
28 5 'Structure model' '_atom_site_anisotrop.U[2][3]'                 
29 5 'Structure model' '_atom_site_anisotrop.U[3][3]'                 
30 5 'Structure model' '_atom_site_anisotrop.id'                      
31 5 'Structure model' '_atom_site_anisotrop.pdbx_auth_asym_id'       
32 5 'Structure model' '_atom_site_anisotrop.pdbx_auth_atom_id'       
33 5 'Structure model' '_atom_site_anisotrop.pdbx_auth_comp_id'       
34 5 'Structure model' '_atom_site_anisotrop.pdbx_auth_seq_id'        
35 5 'Structure model' '_atom_site_anisotrop.pdbx_label_asym_id'      
36 5 'Structure model' '_atom_site_anisotrop.pdbx_label_atom_id'      
37 5 'Structure model' '_atom_site_anisotrop.pdbx_label_comp_id'      
38 5 'Structure model' '_atom_site_anisotrop.pdbx_label_seq_id'       
39 5 'Structure model' '_atom_site_anisotrop.type_symbol'             
40 5 'Structure model' '_citation.journal_id_ISSN'                    
41 5 'Structure model' '_entity_poly.pdbx_seq_one_letter_code'        
42 5 'Structure model' '_entity_poly.pdbx_seq_one_letter_code_can'    
43 5 'Structure model' '_pdbx_entity_src_syn.pdbx_end_seq_num'        
44 5 'Structure model' '_pdbx_struct_assembly_gen.asym_id_list'       
45 5 'Structure model' '_pdbx_unobs_or_zero_occ_atoms.auth_seq_id'    
46 5 'Structure model' '_pdbx_unobs_or_zero_occ_atoms.label_seq_id'   
47 5 'Structure model' '_struct_conf.beg_auth_seq_id'                 
48 5 'Structure model' '_struct_conf.beg_label_seq_id'                
49 5 'Structure model' '_struct_conf.end_auth_seq_id'                 
50 5 'Structure model' '_struct_conf.end_label_seq_id'                
51 5 'Structure model' '_struct_conn.ptnr1_auth_comp_id'              
52 5 'Structure model' '_struct_conn.ptnr1_auth_seq_id'               
53 5 'Structure model' '_struct_conn.ptnr1_label_atom_id'             
54 5 'Structure model' '_struct_conn.ptnr1_label_comp_id'             
55 5 'Structure model' '_struct_conn.ptnr1_label_seq_id'              
56 5 'Structure model' '_struct_conn.ptnr2_auth_comp_id'              
57 5 'Structure model' '_struct_conn.ptnr2_auth_seq_id'               
58 5 'Structure model' '_struct_conn.ptnr2_label_asym_id'             
59 5 'Structure model' '_struct_conn.ptnr2_label_atom_id'             
60 5 'Structure model' '_struct_conn.ptnr2_label_comp_id'             
61 5 'Structure model' '_struct_conn.ptnr2_label_seq_id'              
62 5 'Structure model' '_struct_ref_seq.db_align_beg'                 
63 5 'Structure model' '_struct_ref_seq.db_align_end'                 
64 5 'Structure model' '_struct_ref_seq.pdbx_auth_seq_align_beg'      
65 5 'Structure model' '_struct_ref_seq.pdbx_auth_seq_align_end'      
66 5 'Structure model' '_struct_ref_seq.seq_align_end'                
67 5 'Structure model' '_struct_site.details'                         
68 5 'Structure model' '_struct_site.pdbx_auth_asym_id'               
69 5 'Structure model' '_struct_site.pdbx_auth_seq_id'                
70 5 'Structure model' '_struct_site_gen.auth_asym_id'                
71 5 'Structure model' '_struct_site_gen.auth_seq_id'                 
72 5 'Structure model' '_struct_site_gen.label_asym_id'               
73 5 'Structure model' '_struct_site_gen.label_seq_id'                
74 6 'Structure model' '_pdbx_entry_details.has_protein_modification' 
75 6 'Structure model' '_struct_conn.pdbx_leaving_atom_flag'          
# 
_pdbx_database_status.status_code                     REL 
_pdbx_database_status.status_code_sf                  REL 
_pdbx_database_status.status_code_mr                  ? 
_pdbx_database_status.entry_id                        6Y14 
_pdbx_database_status.recvd_initial_deposition_date   2020-02-11 
_pdbx_database_status.SG_entry                        N 
_pdbx_database_status.deposit_site                    PDBE 
_pdbx_database_status.process_site                    PDBE 
_pdbx_database_status.status_code_cs                  ? 
_pdbx_database_status.status_code_nmr_data            ? 
_pdbx_database_status.methods_development_category    ? 
_pdbx_database_status.pdb_format_compatible           Y 
# 
loop_
_audit_author.name 
_audit_author.pdbx_ordinal 
_audit_author.identifier_ORCID 
'Baeriswyl, S.'  1 0000-0002-2899-4516 
'Stocker, A.'    2 0000-0001-6862-7887 
'Reymond, J.-L.' 3 0000-0003-2724-2942 
# 
loop_
_citation.abstract 
_citation.abstract_id_CAS 
_citation.book_id_ISBN 
_citation.book_publisher 
_citation.book_publisher_city 
_citation.book_title 
_citation.coordinate_linkage 
_citation.country 
_citation.database_id_Medline 
_citation.details 
_citation.id 
_citation.journal_abbrev 
_citation.journal_id_ASTM 
_citation.journal_id_CSD 
_citation.journal_id_ISSN 
_citation.journal_full 
_citation.journal_issue 
_citation.journal_volume 
_citation.language 
_citation.page_first 
_citation.page_last 
_citation.title 
_citation.year 
_citation.database_id_CSD 
_citation.pdbx_database_id_DOI 
_citation.pdbx_database_id_PubMed 
_citation.unpublished_flag 
? ? ? ? ? ? ? UK ? ? primary 'Rsc Chem Biol' ? ? 2633-0679 ? ? 2 ? 1608 1617 
'A mixed chirality alpha-helix in a stapled bicyclic and a linear antimicrobial peptide revealed by X-ray crystallography.' 2021 ? 
10.1039/d1cb00124h            34977576 ? 
? ? ? ? ? ? ? UK ? ? 1       'Rsc Chem Biol' ? ? 2633-0679 ? ? 2 ? 1608 1617 
'A mixed chirality alpha-helix in a stapled bicyclic and a linear antimicrobial peptide revealed by X-ray crystallography.' 2021 ? 
10.1039/d1cb00124h            34977576 ? 
? ? ? ? ? ? ? UK ? ? 2       'Rsc Chem Biol' ? ? 2633-0679 ? ? 2 ? 1608 1617 
'A mixed chirality alpha-helix in a stapled bicyclic and a linear antimicrobial peptide revealed by X-ray crystallography.' 2021 ? 
10.1039/d1cb00124h            34977576 ? 
? ? ? ? ? ? ? US ? ? 3       Chemrxiv        ? ? 2573-2293 ? ? ? ? ?    ?    
'Mixed chirality alpha-helix in a stapled bicyclic and a linear antimicrobial peptide revealed by X-ray crystallography'    2021 ? 
10.26434/chemrxiv.14052293.v3 ?        ? 
# 
loop_
_citation_author.citation_id 
_citation_author.name 
_citation_author.ordinal 
_citation_author.identifier_ORCID 
primary 'Baeriswyl, S.'      1  0000-0002-2899-4516 
primary 'Personne, H.'       2  0000-0002-2078-0564 
primary 'Di Bonaventura, I.' 3  0000-0002-0535-1198 
primary 'Kohler, T.'         4  0000-0003-4889-9492 
primary 'van Delden, C.'     5  0000-0002-2901-8285 
primary 'Stocker, A.'        6  0000-0001-6862-7887 
primary 'Javor, S.'          7  0000-0002-0342-3418 
primary 'Reymond, J.L.'      8  0000-0003-2724-2942 
1       'Baeriswyl, S.'      9  0000-0002-2899-4516 
1       'Personne, H.'       10 0000-0002-2078-0564 
1       'Di Bonaventura, I.' 11 0000-0002-0535-1198 
1       'Kohler, T.'         12 0000-0003-4889-9492 
1       'van Delden, C.'     13 0000-0002-2901-8285 
1       'Stocker, A.'        14 0000-0001-6862-7887 
1       'Javor, S.'          15 0000-0002-0342-3418 
1       'Reymond, J.L.'      16 0000-0003-2724-2942 
2       'Baeriswyl, S.'      17 0000-0002-2899-4516 
2       'Personne, H.'       18 0000-0002-2078-0564 
2       'Di Bonaventura, I.' 19 0000-0002-0535-1198 
2       'Kohler, T.'         20 0000-0003-4889-9492 
2       'van Delden, C.'     21 0000-0002-2901-8285 
2       'Stocker, A.'        22 0000-0001-6862-7887 
2       'Javor, S.'          23 0000-0002-0342-3418 
2       'Reymond, J.L.'      24 0000-0003-2724-2942 
3       'Personne, H.'       25 ?                   
3       'Baeriswyl, S.'      26 0000-0002-2899-4516 
3       'Di Bonaventura, I.' 27 ?                   
3       'Kohler, T.'         28 ?                   
3       'van Delden, C.'     29 ?                   
3       'Stocker, A.'        30 0000-0001-6862-7887 
3       'Javor, S.'          31 ?                   
3       'Reymond, J.-L.'     32 0000-0003-2724-2942 
# 
loop_
_entity.id 
_entity.type 
_entity.src_method 
_entity.pdbx_description 
_entity.formula_weight 
_entity.pdbx_number_of_molecules 
_entity.pdbx_ec 
_entity.pdbx_mutation 
_entity.pdbx_fragment 
_entity.details 
1 polymer     syn bp65          1483.001 2  ? ? ? 
'Antimicrobial Bicyclic Stapled Peptide bp65, crystallized as racemate with its D-enantiomer bp69' 
2 non-polymer syn 'CITRIC ACID' 192.124  2  ? ? ? ? 
3 water       nat water         18.015   13 ? ? ? ? 
# 
_entity_poly.entity_id                      1 
_entity_poly.type                           'polypeptide(L)' 
_entity_poly.nstd_linkage                   no 
_entity_poly.nstd_monomer                   yes 
_entity_poly.pdbx_seq_one_letter_code       '(O65)KKLLKCLKCLL(NH2)' 
_entity_poly.pdbx_seq_one_letter_code_can   XKKLLKCLKCLLX 
_entity_poly.pdbx_strand_id                 A,B 
_entity_poly.pdbx_target_identifier         ? 
# 
loop_
_pdbx_entity_nonpoly.entity_id 
_pdbx_entity_nonpoly.name 
_pdbx_entity_nonpoly.comp_id 
2 'CITRIC ACID' CIT 
3 water         HOH 
# 
loop_
_entity_poly_seq.entity_id 
_entity_poly_seq.num 
_entity_poly_seq.mon_id 
_entity_poly_seq.hetero 
1 1  O65 n 
1 2  LYS n 
1 3  LYS n 
1 4  LEU n 
1 5  LEU n 
1 6  LYS n 
1 7  CYS n 
1 8  LEU n 
1 9  LYS n 
1 10 CYS n 
1 11 LEU n 
1 12 LEU n 
1 13 NH2 n 
# 
_pdbx_entity_src_syn.entity_id              1 
_pdbx_entity_src_syn.pdbx_src_id            1 
_pdbx_entity_src_syn.pdbx_alt_source_flag   sample 
_pdbx_entity_src_syn.pdbx_beg_seq_num       1 
_pdbx_entity_src_syn.pdbx_end_seq_num       13 
_pdbx_entity_src_syn.organism_scientific    'synthetic construct' 
_pdbx_entity_src_syn.organism_common_name   ? 
_pdbx_entity_src_syn.ncbi_taxonomy_id       32630 
_pdbx_entity_src_syn.details                ? 
# 
loop_
_chem_comp.id 
_chem_comp.type 
_chem_comp.mon_nstd_flag 
_chem_comp.name 
_chem_comp.pdbx_synonyms 
_chem_comp.formula 
_chem_comp.formula_weight 
CIT non-polymer         . 'CITRIC ACID'                                  ? 'C6 H8 O7'       192.124 
CYS 'L-peptide linking' y CYSTEINE                                       ? 'C3 H7 N O2 S'   121.158 
HOH non-polymer         . WATER                                          ? 'H2 O'           18.015  
LEU 'L-peptide linking' y LEUCINE                                        ? 'C6 H13 N O2'    131.173 
LYS 'L-peptide linking' y LYSINE                                         ? 'C6 H15 N2 O2 1' 147.195 
NH2 non-polymer         . 'AMINO GROUP'                                  ? 'H2 N'           16.023  
O65 non-polymer         . '3,5-bis(hydroxymethyl)-4-methyl-benzaldehyde' ? 'C10 H12 O4'     196.200 
# 
loop_
_pdbx_poly_seq_scheme.asym_id 
_pdbx_poly_seq_scheme.entity_id 
_pdbx_poly_seq_scheme.seq_id 
_pdbx_poly_seq_scheme.mon_id 
_pdbx_poly_seq_scheme.ndb_seq_num 
_pdbx_poly_seq_scheme.pdb_seq_num 
_pdbx_poly_seq_scheme.auth_seq_num 
_pdbx_poly_seq_scheme.pdb_mon_id 
_pdbx_poly_seq_scheme.auth_mon_id 
_pdbx_poly_seq_scheme.pdb_strand_id 
_pdbx_poly_seq_scheme.pdb_ins_code 
_pdbx_poly_seq_scheme.hetero 
A 1 1  O65 1  101 1  O65 DBZ A . n 
A 1 2  LYS 2  102 2  LYS LYS A . n 
A 1 3  LYS 3  103 3  LYS LYS A . n 
A 1 4  LEU 4  104 4  LEU LEU A . n 
A 1 5  LEU 5  105 5  LEU LEU A . n 
A 1 6  LYS 6  106 6  LYS LYS A . n 
A 1 7  CYS 7  107 7  CYS CYS A . n 
A 1 8  LEU 8  108 8  LEU LEU A . n 
A 1 9  LYS 9  109 9  LYS LYS A . n 
A 1 10 CYS 10 110 10 CYS CYS A . n 
A 1 11 LEU 11 111 11 LEU LEU A . n 
A 1 12 LEU 12 112 12 LEU LEU A . n 
A 1 13 NH2 13 113 13 NH2 NH2 A . n 
B 1 1  O65 1  101 1  O65 DBZ B . n 
B 1 2  LYS 2  102 2  LYS LYS B . n 
B 1 3  LYS 3  103 3  LYS LYS B . n 
B 1 4  LEU 4  104 4  LEU LEU B . n 
B 1 5  LEU 5  105 5  LEU LEU B . n 
B 1 6  LYS 6  106 6  LYS LYS B . n 
B 1 7  CYS 7  107 7  CYS CYS B . n 
B 1 8  LEU 8  108 8  LEU LEU B . n 
B 1 9  LYS 9  109 9  LYS LYS B . n 
B 1 10 CYS 10 110 10 CYS CYS B . n 
B 1 11 LEU 11 111 11 LEU LEU B . n 
B 1 12 LEU 12 112 12 LEU LEU B . n 
B 1 13 NH2 13 113 13 NH2 NH2 B . n 
# 
loop_
_pdbx_nonpoly_scheme.asym_id 
_pdbx_nonpoly_scheme.entity_id 
_pdbx_nonpoly_scheme.mon_id 
_pdbx_nonpoly_scheme.ndb_seq_num 
_pdbx_nonpoly_scheme.pdb_seq_num 
_pdbx_nonpoly_scheme.auth_seq_num 
_pdbx_nonpoly_scheme.pdb_mon_id 
_pdbx_nonpoly_scheme.auth_mon_id 
_pdbx_nonpoly_scheme.pdb_strand_id 
_pdbx_nonpoly_scheme.pdb_ins_code 
C 2 CIT 1 201 1  CIT CIT A . 
D 2 CIT 1 201 2  CIT CIT B . 
E 3 HOH 1 301 2  HOH HOH A . 
E 3 HOH 2 302 27 HOH HOH A . 
E 3 HOH 3 303 8  HOH HOH A . 
E 3 HOH 4 304 16 HOH HOH A . 
E 3 HOH 5 305 4  HOH HOH A . 
E 3 HOH 6 306 5  HOH HOH A . 
E 3 HOH 7 307 11 HOH HOH A . 
E 3 HOH 8 308 3  HOH HOH A . 
F 3 HOH 1 301 9  HOH HOH B . 
F 3 HOH 2 302 28 HOH HOH B . 
F 3 HOH 3 303 12 HOH HOH B . 
F 3 HOH 4 304 1  HOH HOH B . 
F 3 HOH 5 305 17 HOH HOH B . 
# 
loop_
_pdbx_unobs_or_zero_occ_atoms.id 
_pdbx_unobs_or_zero_occ_atoms.PDB_model_num 
_pdbx_unobs_or_zero_occ_atoms.polymer_flag 
_pdbx_unobs_or_zero_occ_atoms.occupancy_flag 
_pdbx_unobs_or_zero_occ_atoms.auth_asym_id 
_pdbx_unobs_or_zero_occ_atoms.auth_comp_id 
_pdbx_unobs_or_zero_occ_atoms.auth_seq_id 
_pdbx_unobs_or_zero_occ_atoms.PDB_ins_code 
_pdbx_unobs_or_zero_occ_atoms.auth_atom_id 
_pdbx_unobs_or_zero_occ_atoms.label_alt_id 
_pdbx_unobs_or_zero_occ_atoms.label_asym_id 
_pdbx_unobs_or_zero_occ_atoms.label_comp_id 
_pdbx_unobs_or_zero_occ_atoms.label_seq_id 
_pdbx_unobs_or_zero_occ_atoms.label_atom_id 
1 1 Y 1 A LYS 109 ? CD ? A LYS 9 CD 
2 1 Y 1 A LYS 109 ? CE ? A LYS 9 CE 
3 1 Y 1 A LYS 109 ? NZ ? A LYS 9 NZ 
4 1 Y 1 B LYS 109 ? CD ? B LYS 9 CD 
5 1 Y 1 B LYS 109 ? CE ? B LYS 9 CE 
6 1 Y 1 B LYS 109 ? NZ ? B LYS 9 NZ 
# 
loop_
_software.citation_id 
_software.classification 
_software.compiler_name 
_software.compiler_version 
_software.contact_author 
_software.contact_author_email 
_software.date 
_software.description 
_software.dependencies 
_software.hardware 
_software.language 
_software.location 
_software.mods 
_software.name 
_software.os 
_software.os_version 
_software.type 
_software.version 
_software.pdbx_ordinal 
? 'data reduction'  ? ? 'Wolfgang Kabsch'     Wolfgang.Kabsch@mpimf-heidelberg.mpg.de ?              ? ? ? ?          
http://www.mpimf-heidelberg.mpg.de/~kabsch/xds/                             ? XDS         ? ? package .    1 
? 'data scaling'    ? ? 'Wolfgang Kabsch'     ?                                       ?              ? ? ? ?          
http://www.mpimf-heidelberg.mpg.de/~kabsch/xds/html_doc/xscale_program.html ? XSCALE      ? ? package .    2 
? phasing           ? ? 'George M. Sheldrick' gsheldr@shelx.uni-ac.gwdg.de            ?              ? ? ? Fortran_77 
http://shelx.uni-ac.gwdg.de/SHELX/                                          ? SHELX       ? ? package .    3 
? refinement        ? ? 'George M. Sheldrick' gsheldr@shelx.uni-ac.gwdg.de            ?              ? ? ? Fortran_77 
http://shelx.uni-ac.gwdg.de/SHELX/                                          ? SHELX       ? ? package .    4 
? 'data extraction' ? ? PDB                   deposit@deposit.rcsb.org                'Apr. 1, 2019' ? ? ? C++        
http://sw-tools.pdb.org/apps/PDB_EXTRACT/                                   ? PDB_EXTRACT ? ? package 3.25 5 
# 
_cell.angle_alpha                  111.280 
_cell.angle_alpha_esd              ? 
_cell.angle_beta                   92.260 
_cell.angle_beta_esd               ? 
_cell.angle_gamma                  101.960 
_cell.angle_gamma_esd              ? 
_cell.entry_id                     6Y14 
_cell.details                      ? 
_cell.formula_units_Z              ? 
_cell.length_a                     16.482 
_cell.length_a_esd                 ? 
_cell.length_b                     26.209 
_cell.length_b_esd                 ? 
_cell.length_c                     29.909 
_cell.length_c_esd                 ? 
_cell.volume                       ? 
_cell.volume_esd                   ? 
_cell.Z_PDB                        4 
_cell.reciprocal_angle_alpha       ? 
_cell.reciprocal_angle_beta        ? 
_cell.reciprocal_angle_gamma       ? 
_cell.reciprocal_angle_alpha_esd   ? 
_cell.reciprocal_angle_beta_esd    ? 
_cell.reciprocal_angle_gamma_esd   ? 
_cell.reciprocal_length_a          ? 
_cell.reciprocal_length_b          ? 
_cell.reciprocal_length_c          ? 
_cell.reciprocal_length_a_esd      ? 
_cell.reciprocal_length_b_esd      ? 
_cell.reciprocal_length_c_esd      ? 
_cell.pdbx_unique_axis             ? 
# 
_symmetry.entry_id                         6Y14 
_symmetry.cell_setting                     ? 
_symmetry.Int_Tables_number                2 
_symmetry.space_group_name_Hall            ? 
_symmetry.space_group_name_H-M             'P -1' 
_symmetry.pdbx_full_space_group_name_H-M   ? 
# 
_exptl.absorpt_coefficient_mu     ? 
_exptl.absorpt_correction_T_max   ? 
_exptl.absorpt_correction_T_min   ? 
_exptl.absorpt_correction_type    ? 
_exptl.absorpt_process_details    ? 
_exptl.entry_id                   6Y14 
_exptl.crystals_number            1 
_exptl.details                    ? 
_exptl.method                     'X-RAY DIFFRACTION' 
_exptl.method_details             ? 
# 
_exptl_crystal.colour                      ? 
_exptl_crystal.density_diffrn              ? 
_exptl_crystal.density_Matthews            2.880 
_exptl_crystal.density_method              ? 
_exptl_crystal.density_percent_sol         45.06 
_exptl_crystal.description                 ? 
_exptl_crystal.F_000                       ? 
_exptl_crystal.id                          1 
_exptl_crystal.preparation                 ? 
_exptl_crystal.size_max                    ? 
_exptl_crystal.size_mid                    ? 
_exptl_crystal.size_min                    ? 
_exptl_crystal.size_rad                    ? 
_exptl_crystal.colour_lustre               ? 
_exptl_crystal.colour_modifier             ? 
_exptl_crystal.colour_primary              ? 
_exptl_crystal.density_meas                ? 
_exptl_crystal.density_meas_esd            ? 
_exptl_crystal.density_meas_gt             ? 
_exptl_crystal.density_meas_lt             ? 
_exptl_crystal.density_meas_temp           ? 
_exptl_crystal.density_meas_temp_esd       ? 
_exptl_crystal.density_meas_temp_gt        ? 
_exptl_crystal.density_meas_temp_lt        ? 
_exptl_crystal.pdbx_crystal_image_url      ? 
_exptl_crystal.pdbx_crystal_image_format   ? 
_exptl_crystal.pdbx_mosaicity              ? 
_exptl_crystal.pdbx_mosaicity_esd          ? 
# 
_exptl_crystal_grow.apparatus       ? 
_exptl_crystal_grow.atmosphere      ? 
_exptl_crystal_grow.crystal_id      1 
_exptl_crystal_grow.details         ? 
_exptl_crystal_grow.method          'VAPOR DIFFUSION, HANGING DROP' 
_exptl_crystal_grow.method_ref      ? 
_exptl_crystal_grow.pH              5.6 
_exptl_crystal_grow.pressure        ? 
_exptl_crystal_grow.pressure_esd    ? 
_exptl_crystal_grow.seeding         ? 
_exptl_crystal_grow.seeding_ref     ? 
_exptl_crystal_grow.temp            291 
_exptl_crystal_grow.temp_details    ? 
_exptl_crystal_grow.temp_esd        ? 
_exptl_crystal_grow.time            ? 
_exptl_crystal_grow.pdbx_details    '0.1 M Sodium citrate tribasic dihydrate pH 5.6, 35% v/v tert-Butanol' 
_exptl_crystal_grow.pdbx_pH_range   ? 
# 
_diffrn.ambient_environment              ? 
_diffrn.ambient_temp                     100.000 
_diffrn.ambient_temp_details             ? 
_diffrn.ambient_temp_esd                 ? 
_diffrn.crystal_id                       1 
_diffrn.crystal_support                  ? 
_diffrn.crystal_treatment                ? 
_diffrn.details                          ? 
_diffrn.id                               1 
_diffrn.ambient_pressure                 ? 
_diffrn.ambient_pressure_esd             ? 
_diffrn.ambient_pressure_gt              ? 
_diffrn.ambient_pressure_lt              ? 
_diffrn.ambient_temp_gt                  ? 
_diffrn.ambient_temp_lt                  ? 
_diffrn.pdbx_serial_crystal_experiment   N 
# 
_diffrn_detector.details                      ? 
_diffrn_detector.detector                     PIXEL 
_diffrn_detector.diffrn_id                    1 
_diffrn_detector.type                         'DECTRIS PILATUS 2M-F' 
_diffrn_detector.area_resol_mean              ? 
_diffrn_detector.dtime                        ? 
_diffrn_detector.pdbx_frames_total            ? 
_diffrn_detector.pdbx_collection_time_total   ? 
_diffrn_detector.pdbx_collection_date         2017-12-20 
_diffrn_detector.pdbx_frequency               ? 
# 
_diffrn_radiation.collimation                      ? 
_diffrn_radiation.diffrn_id                        1 
_diffrn_radiation.filter_edge                      ? 
_diffrn_radiation.inhomogeneity                    ? 
_diffrn_radiation.monochromator                    ? 
_diffrn_radiation.polarisn_norm                    ? 
_diffrn_radiation.polarisn_ratio                   ? 
_diffrn_radiation.probe                            ? 
_diffrn_radiation.type                             ? 
_diffrn_radiation.xray_symbol                      ? 
_diffrn_radiation.wavelength_id                    1 
_diffrn_radiation.pdbx_monochromatic_or_laue_m_l   M 
_diffrn_radiation.pdbx_wavelength_list             ? 
_diffrn_radiation.pdbx_wavelength                  ? 
_diffrn_radiation.pdbx_diffrn_protocol             MAD 
_diffrn_radiation.pdbx_analyzer                    ? 
_diffrn_radiation.pdbx_scattering_type             x-ray 
# 
_diffrn_radiation_wavelength.id           1 
_diffrn_radiation_wavelength.wavelength   0.8 
_diffrn_radiation_wavelength.wt           1.0 
# 
_diffrn_source.current                     ? 
_diffrn_source.details                     ? 
_diffrn_source.diffrn_id                   1 
_diffrn_source.power                       ? 
_diffrn_source.size                        ? 
_diffrn_source.source                      SYNCHROTRON 
_diffrn_source.target                      ? 
_diffrn_source.type                        'SLS BEAMLINE X06DA' 
_diffrn_source.voltage                     ? 
_diffrn_source.take-off_angle              ? 
_diffrn_source.pdbx_wavelength_list        0.8 
_diffrn_source.pdbx_wavelength             ? 
_diffrn_source.pdbx_synchrotron_beamline   X06DA 
_diffrn_source.pdbx_synchrotron_site       SLS 
# 
_reflns.B_iso_Wilson_estimate            ? 
_reflns.entry_id                         6Y14 
_reflns.data_reduction_details           ? 
_reflns.data_reduction_method            ? 
_reflns.d_resolution_high                0.90 
_reflns.d_resolution_low                 27.700 
_reflns.details                          ? 
_reflns.limit_h_max                      ? 
_reflns.limit_h_min                      ? 
_reflns.limit_k_max                      ? 
_reflns.limit_k_min                      ? 
_reflns.limit_l_max                      ? 
_reflns.limit_l_min                      ? 
_reflns.number_all                       ? 
_reflns.number_obs                       29455 
_reflns.observed_criterion               ? 
_reflns.observed_criterion_F_max         ? 
_reflns.observed_criterion_F_min         ? 
_reflns.observed_criterion_I_max         ? 
_reflns.observed_criterion_I_min         ? 
_reflns.observed_criterion_sigma_F       ? 
_reflns.observed_criterion_sigma_I       ? 
_reflns.percent_possible_obs             87.71 
_reflns.R_free_details                   ? 
_reflns.Rmerge_F_all                     ? 
_reflns.Rmerge_F_obs                     ? 
_reflns.Friedel_coverage                 ? 
_reflns.number_gt                        ? 
_reflns.threshold_expression             ? 
_reflns.pdbx_redundancy                  1.76 
_reflns.pdbx_Rmerge_I_obs                0.165 
_reflns.pdbx_Rmerge_I_all                ? 
_reflns.pdbx_Rsym_value                  ? 
_reflns.pdbx_netI_over_av_sigmaI         ? 
_reflns.pdbx_netI_over_sigmaI            4.5 
_reflns.pdbx_res_netI_over_av_sigmaI_2   ? 
_reflns.pdbx_res_netI_over_sigmaI_2      ? 
_reflns.pdbx_chi_squared                 ? 
_reflns.pdbx_scaling_rejects             ? 
_reflns.pdbx_d_res_high_opt              ? 
_reflns.pdbx_d_res_low_opt               ? 
_reflns.pdbx_d_res_opt_method            ? 
_reflns.phase_calculation_details        ? 
_reflns.pdbx_Rrim_I_all                  0.233 
_reflns.pdbx_Rpim_I_all                  0.165 
_reflns.pdbx_d_opt                       ? 
_reflns.pdbx_number_measured_all         ? 
_reflns.pdbx_diffrn_id                   1 
_reflns.pdbx_ordinal                     1 
_reflns.pdbx_CC_half                     0.925 
_reflns.pdbx_CC_star                     0.980 
_reflns.pdbx_R_split                     0.233 
# 
_reflns_shell.d_res_high                  0.90 
_reflns_shell.d_res_low                   0.92 
_reflns_shell.meanI_over_sigI_all         ? 
_reflns_shell.meanI_over_sigI_obs         2.2 
_reflns_shell.number_measured_all         ? 
_reflns_shell.number_measured_obs         ? 
_reflns_shell.number_possible             ? 
_reflns_shell.number_unique_all           ? 
_reflns_shell.number_unique_obs           1448 
_reflns_shell.percent_possible_all        84.73 
_reflns_shell.percent_possible_obs        ? 
_reflns_shell.Rmerge_F_all                ? 
_reflns_shell.Rmerge_F_obs                ? 
_reflns_shell.Rmerge_I_all                ? 
_reflns_shell.Rmerge_I_obs                0.247 
_reflns_shell.meanI_over_sigI_gt          ? 
_reflns_shell.meanI_over_uI_all           ? 
_reflns_shell.meanI_over_uI_gt            ? 
_reflns_shell.number_measured_gt          ? 
_reflns_shell.number_unique_gt            ? 
_reflns_shell.percent_possible_gt         ? 
_reflns_shell.Rmerge_F_gt                 ? 
_reflns_shell.Rmerge_I_gt                 ? 
_reflns_shell.pdbx_redundancy             1.76 
_reflns_shell.pdbx_Rsym_value             ? 
_reflns_shell.pdbx_chi_squared            ? 
_reflns_shell.pdbx_netI_over_sigmaI_all   ? 
_reflns_shell.pdbx_netI_over_sigmaI_obs   ? 
_reflns_shell.pdbx_Rrim_I_all             0.349 
_reflns_shell.pdbx_Rpim_I_all             0.247 
_reflns_shell.pdbx_rejects                ? 
_reflns_shell.pdbx_ordinal                1 
_reflns_shell.pdbx_diffrn_id              1 
_reflns_shell.pdbx_CC_half                0.886 
_reflns_shell.pdbx_CC_star                ? 
_reflns_shell.pdbx_R_split                ? 
# 
_refine.aniso_B[1][1]                            ? 
_refine.aniso_B[1][2]                            ? 
_refine.aniso_B[1][3]                            ? 
_refine.aniso_B[2][2]                            ? 
_refine.aniso_B[2][3]                            ? 
_refine.aniso_B[3][3]                            ? 
_refine.B_iso_max                                3.950 
_refine.B_iso_mean                               3.9500 
_refine.B_iso_min                                3.950 
_refine.correlation_coeff_Fo_to_Fc               ? 
_refine.correlation_coeff_Fo_to_Fc_free          ? 
_refine.details                                  ? 
_refine.diff_density_max                         ? 
_refine.diff_density_max_esd                     ? 
_refine.diff_density_min                         ? 
_refine.diff_density_min_esd                     ? 
_refine.diff_density_rms                         ? 
_refine.diff_density_rms_esd                     ? 
_refine.entry_id                                 6Y14 
_refine.pdbx_refine_id                           'X-RAY DIFFRACTION' 
_refine.ls_abs_structure_details                 ? 
_refine.ls_abs_structure_Flack                   ? 
_refine.ls_abs_structure_Flack_esd               ? 
_refine.ls_abs_structure_Rogers                  ? 
_refine.ls_abs_structure_Rogers_esd              ? 
_refine.ls_d_res_high                            0.9000 
_refine.ls_d_res_low                             27.7000 
_refine.ls_extinction_coef                       ? 
_refine.ls_extinction_coef_esd                   ? 
_refine.ls_extinction_expression                 ? 
_refine.ls_extinction_method                     ? 
_refine.ls_goodness_of_fit_all                   ? 
_refine.ls_goodness_of_fit_all_esd               ? 
_refine.ls_goodness_of_fit_obs                   ? 
_refine.ls_goodness_of_fit_obs_esd               ? 
_refine.ls_hydrogen_treatment                    ? 
_refine.ls_matrix_type                           ? 
_refine.ls_number_constraints                    ? 
_refine.ls_number_parameters                     ? 
_refine.ls_number_reflns_all                     ? 
_refine.ls_number_reflns_obs                     29455 
_refine.ls_number_reflns_R_free                  ? 
_refine.ls_number_reflns_R_work                  ? 
_refine.ls_number_restraints                     ? 
_refine.ls_percent_reflns_obs                    87.7 
_refine.ls_percent_reflns_R_free                 ? 
_refine.ls_R_factor_all                          ? 
_refine.ls_R_factor_obs                          0.1913 
_refine.ls_R_factor_R_free                       ? 
_refine.ls_R_factor_R_free_error                 ? 
_refine.ls_R_factor_R_free_error_details         ? 
_refine.ls_R_factor_R_work                       0.1264 
_refine.ls_R_Fsqd_factor_obs                     ? 
_refine.ls_R_I_factor_obs                        ? 
_refine.ls_redundancy_reflns_all                 ? 
_refine.ls_redundancy_reflns_obs                 ? 
_refine.ls_restrained_S_all                      ? 
_refine.ls_restrained_S_obs                      ? 
_refine.ls_shift_over_esd_max                    ? 
_refine.ls_shift_over_esd_mean                   ? 
_refine.ls_structure_factor_coef                 ? 
_refine.ls_weighting_details                     ? 
_refine.ls_weighting_scheme                      ? 
_refine.ls_wR_factor_all                         ? 
_refine.ls_wR_factor_obs                         ? 
_refine.ls_wR_factor_R_free                      ? 
_refine.ls_wR_factor_R_work                      ? 
_refine.occupancy_max                            ? 
_refine.occupancy_min                            ? 
_refine.solvent_model_details                    ? 
_refine.solvent_model_param_bsol                 ? 
_refine.solvent_model_param_ksol                 ? 
_refine.pdbx_R_complete                          ? 
_refine.ls_R_factor_gt                           ? 
_refine.ls_goodness_of_fit_gt                    ? 
_refine.ls_goodness_of_fit_ref                   ? 
_refine.ls_shift_over_su_max                     ? 
_refine.ls_shift_over_su_max_lt                  ? 
_refine.ls_shift_over_su_mean                    ? 
_refine.ls_shift_over_su_mean_lt                 ? 
_refine.pdbx_ls_sigma_I                          ? 
_refine.pdbx_ls_sigma_F                          0.000 
_refine.pdbx_ls_sigma_Fsqd                       ? 
_refine.pdbx_data_cutoff_high_absF               ? 
_refine.pdbx_data_cutoff_high_rms_absF           ? 
_refine.pdbx_data_cutoff_low_absF                ? 
_refine.pdbx_isotropic_thermal_model             ? 
_refine.pdbx_ls_cross_valid_method               'FREE R-VALUE' 
_refine.pdbx_method_to_determine_struct          'AB INITIO PHASING' 
_refine.pdbx_starting_model                      NONE 
_refine.pdbx_stereochemistry_target_values       ? 
_refine.pdbx_R_Free_selection_details            RANDOM 
_refine.pdbx_stereochem_target_val_spec_case     ? 
_refine.pdbx_overall_ESU_R                       ? 
_refine.pdbx_overall_ESU_R_Free                  ? 
_refine.pdbx_solvent_vdw_probe_radii             ? 
_refine.pdbx_solvent_ion_probe_radii             ? 
_refine.pdbx_solvent_shrinkage_radii             ? 
_refine.pdbx_real_space_R                        ? 
_refine.pdbx_density_correlation                 ? 
_refine.pdbx_pd_number_of_powder_patterns        ? 
_refine.pdbx_pd_number_of_points                 ? 
_refine.pdbx_pd_meas_number_of_points            ? 
_refine.pdbx_pd_proc_ls_prof_R_factor            ? 
_refine.pdbx_pd_proc_ls_prof_wR_factor           ? 
_refine.pdbx_pd_Marquardt_correlation_coeff      ? 
_refine.pdbx_pd_Fsqrd_R_factor                   ? 
_refine.pdbx_pd_ls_matrix_band_width             ? 
_refine.pdbx_overall_phase_error                 ? 
_refine.pdbx_overall_SU_R_free_Cruickshank_DPI   ? 
_refine.pdbx_overall_SU_R_free_Blow_DPI          ? 
_refine.pdbx_overall_SU_R_Blow_DPI               ? 
_refine.pdbx_TLS_residual_ADP_flag               ? 
_refine.pdbx_diffrn_id                           1 
_refine.overall_SU_B                             ? 
_refine.overall_SU_ML                            ? 
_refine.overall_SU_R_Cruickshank_DPI             ? 
_refine.overall_SU_R_free                        ? 
_refine.overall_FOM_free_R_set                   ? 
_refine.overall_FOM_work_R_set                   ? 
_refine.pdbx_average_fsc_overall                 ? 
_refine.pdbx_average_fsc_work                    ? 
_refine.pdbx_average_fsc_free                    ? 
# 
_refine_hist.pdbx_refine_id                   'X-RAY DIFFRACTION' 
_refine_hist.cycle_id                         final 
_refine_hist.details                          ? 
_refine_hist.d_res_high                       0.9000 
_refine_hist.d_res_low                        27.7000 
_refine_hist.number_atoms_solvent             13 
_refine_hist.number_atoms_total               243 
_refine_hist.number_reflns_all                ? 
_refine_hist.number_reflns_obs                ? 
_refine_hist.number_reflns_R_free             ? 
_refine_hist.number_reflns_R_work             ? 
_refine_hist.R_factor_all                     ? 
_refine_hist.R_factor_obs                     ? 
_refine_hist.R_factor_R_free                  ? 
_refine_hist.R_factor_R_work                  ? 
_refine_hist.pdbx_number_residues_total       26 
_refine_hist.pdbx_B_iso_mean_ligand           3.95 
_refine_hist.pdbx_B_iso_mean_solvent          3.95 
_refine_hist.pdbx_number_atoms_protein        194 
_refine_hist.pdbx_number_atoms_nucleic_acid   0 
_refine_hist.pdbx_number_atoms_ligand         36 
_refine_hist.pdbx_number_atoms_lipid          ? 
_refine_hist.pdbx_number_atoms_carb           ? 
_refine_hist.pdbx_pseudo_atom_details         ? 
# 
loop_
_refine_ls_restr.pdbx_refine_id 
_refine_ls_restr.criterion 
_refine_ls_restr.dev_ideal 
_refine_ls_restr.dev_ideal_target 
_refine_ls_restr.number 
_refine_ls_restr.rejects 
_refine_ls_restr.type 
_refine_ls_restr.weight 
_refine_ls_restr.pdbx_restraint_function 
'X-RAY DIFFRACTION' ? 0.006  ? ? ? s_bond_d               ? ? 
'X-RAY DIFFRACTION' ? 0.822  ? ? ? s_angle_d              ? ? 
'X-RAY DIFFRACTION' ? 0.000  ? ? ? s_similar_dist         ? ? 
'X-RAY DIFFRACTION' ? 0.005  ? ? ? s_from_restr_planes    ? ? 
'X-RAY DIFFRACTION' ? 94.000 ? ? ? s_zero_chiral_vol      ? ? 
'X-RAY DIFFRACTION' ? 1.000  ? ? ? s_non_zero_chiral_vol  ? ? 
'X-RAY DIFFRACTION' ? 0.128  ? ? ? s_anti_bump_dis_restr  ? ? 
'X-RAY DIFFRACTION' ? 0.000  ? ? ? s_rigid_bond_adp_cmpnt ? ? 
'X-RAY DIFFRACTION' ? 0.022  ? ? ? s_similar_adp_cmpnt    ? ? 
'X-RAY DIFFRACTION' ? 0.000  ? ? ? s_approx_iso_adps      ? ? 
# 
_struct.entry_id                     6Y14 
_struct.title                        'Bicyclic peptide bp65 crystallized as racemic mixture at 0.9 Angstrom resolution' 
_struct.pdbx_model_details           ? 
_struct.pdbx_formula_weight          ? 
_struct.pdbx_formula_weight_method   ? 
_struct.pdbx_model_type_details      ? 
_struct.pdbx_CASP_flag               N 
# 
_struct_keywords.entry_id        6Y14 
_struct_keywords.text            'Antimicrobial, Bicyclic, Stapled, ANTIBIOTIC' 
_struct_keywords.pdbx_keywords   ANTIBIOTIC 
# 
loop_
_struct_asym.id 
_struct_asym.pdbx_blank_PDB_chainid_flag 
_struct_asym.pdbx_modified 
_struct_asym.entity_id 
_struct_asym.details 
A N N 1 ? 
B N N 1 ? 
C N N 2 ? 
D N N 2 ? 
E N N 3 ? 
F N N 3 ? 
# 
_struct_ref.id                         1 
_struct_ref.db_name                    PDB 
_struct_ref.db_code                    6Y14 
_struct_ref.pdbx_db_accession          6Y14 
_struct_ref.pdbx_db_isoform            ? 
_struct_ref.entity_id                  1 
_struct_ref.pdbx_seq_one_letter_code   ? 
_struct_ref.pdbx_align_begin           1 
# 
loop_
_struct_ref_seq.align_id 
_struct_ref_seq.ref_id 
_struct_ref_seq.pdbx_PDB_id_code 
_struct_ref_seq.pdbx_strand_id 
_struct_ref_seq.seq_align_beg 
_struct_ref_seq.pdbx_seq_align_beg_ins_code 
_struct_ref_seq.seq_align_end 
_struct_ref_seq.pdbx_seq_align_end_ins_code 
_struct_ref_seq.pdbx_db_accession 
_struct_ref_seq.db_align_beg 
_struct_ref_seq.pdbx_db_align_beg_ins_code 
_struct_ref_seq.db_align_end 
_struct_ref_seq.pdbx_db_align_end_ins_code 
_struct_ref_seq.pdbx_auth_seq_align_beg 
_struct_ref_seq.pdbx_auth_seq_align_end 
1 1 6Y14 A 1 ? 13 ? 6Y14 101 ? 113 ? 101 113 
2 1 6Y14 B 1 ? 13 ? 6Y14 101 ? 113 ? 101 113 
# 
_pdbx_struct_assembly.id                   1 
_pdbx_struct_assembly.details              author_defined_assembly 
_pdbx_struct_assembly.method_details       ? 
_pdbx_struct_assembly.oligomeric_details   dimeric 
_pdbx_struct_assembly.oligomeric_count     2 
# 
loop_
_pdbx_struct_assembly_prop.biol_id 
_pdbx_struct_assembly_prop.type 
_pdbx_struct_assembly_prop.value 
_pdbx_struct_assembly_prop.details 
1 'ABSA (A^2)' 1190 ? 
1 MORE         3    ? 
1 'SSA (A^2)'  2470 ? 
# 
_pdbx_struct_assembly_gen.assembly_id       1 
_pdbx_struct_assembly_gen.oper_expression   1 
_pdbx_struct_assembly_gen.asym_id_list      A,B,C,D,E,F 
# 
_pdbx_struct_assembly_auth_evidence.id                     1 
_pdbx_struct_assembly_auth_evidence.assembly_id            1 
_pdbx_struct_assembly_auth_evidence.experimental_support   'mass spectrometry' 
_pdbx_struct_assembly_auth_evidence.details                
'The unit cell contains 2 L- and 2 D-peptides related via an inversion center' 
# 
_pdbx_struct_oper_list.id                   1 
_pdbx_struct_oper_list.type                 'identity operation' 
_pdbx_struct_oper_list.name                 1_555 
_pdbx_struct_oper_list.symmetry_operation   x,y,z 
_pdbx_struct_oper_list.matrix[1][1]         1.0000000000 
_pdbx_struct_oper_list.matrix[1][2]         0.0000000000 
_pdbx_struct_oper_list.matrix[1][3]         0.0000000000 
_pdbx_struct_oper_list.vector[1]            0.0000000000 
_pdbx_struct_oper_list.matrix[2][1]         0.0000000000 
_pdbx_struct_oper_list.matrix[2][2]         1.0000000000 
_pdbx_struct_oper_list.matrix[2][3]         0.0000000000 
_pdbx_struct_oper_list.vector[2]            0.0000000000 
_pdbx_struct_oper_list.matrix[3][1]         0.0000000000 
_pdbx_struct_oper_list.matrix[3][2]         0.0000000000 
_pdbx_struct_oper_list.matrix[3][3]         1.0000000000 
_pdbx_struct_oper_list.vector[3]            0.0000000000 
# 
loop_
_struct_conf.conf_type_id 
_struct_conf.id 
_struct_conf.pdbx_PDB_helix_id 
_struct_conf.beg_label_comp_id 
_struct_conf.beg_label_asym_id 
_struct_conf.beg_label_seq_id 
_struct_conf.pdbx_beg_PDB_ins_code 
_struct_conf.end_label_comp_id 
_struct_conf.end_label_asym_id 
_struct_conf.end_label_seq_id 
_struct_conf.pdbx_end_PDB_ins_code 
_struct_conf.beg_auth_comp_id 
_struct_conf.beg_auth_asym_id 
_struct_conf.beg_auth_seq_id 
_struct_conf.end_auth_comp_id 
_struct_conf.end_auth_asym_id 
_struct_conf.end_auth_seq_id 
_struct_conf.pdbx_PDB_helix_class 
_struct_conf.details 
_struct_conf.pdbx_PDB_helix_length 
HELX_P HELX_P1 AA1 LYS A 3 ? LEU A 12 ? LYS A 103 LEU A 112 1 ? 10 
HELX_P HELX_P2 AA2 LYS B 3 ? LEU B 12 ? LYS B 103 LEU B 112 1 ? 10 
# 
_struct_conf_type.id          HELX_P 
_struct_conf_type.criteria    ? 
_struct_conf_type.reference   ? 
# 
loop_
_struct_conn.id 
_struct_conn.conn_type_id 
_struct_conn.pdbx_leaving_atom_flag 
_struct_conn.pdbx_PDB_id 
_struct_conn.ptnr1_label_asym_id 
_struct_conn.ptnr1_label_comp_id 
_struct_conn.ptnr1_label_seq_id 
_struct_conn.ptnr1_label_atom_id 
_struct_conn.pdbx_ptnr1_label_alt_id 
_struct_conn.pdbx_ptnr1_PDB_ins_code 
_struct_conn.pdbx_ptnr1_standard_comp_id 
_struct_conn.ptnr1_symmetry 
_struct_conn.ptnr2_label_asym_id 
_struct_conn.ptnr2_label_comp_id 
_struct_conn.ptnr2_label_seq_id 
_struct_conn.ptnr2_label_atom_id 
_struct_conn.pdbx_ptnr2_label_alt_id 
_struct_conn.pdbx_ptnr2_PDB_ins_code 
_struct_conn.ptnr1_auth_asym_id 
_struct_conn.ptnr1_auth_comp_id 
_struct_conn.ptnr1_auth_seq_id 
_struct_conn.ptnr2_auth_asym_id 
_struct_conn.ptnr2_auth_comp_id 
_struct_conn.ptnr2_auth_seq_id 
_struct_conn.ptnr2_symmetry 
_struct_conn.pdbx_ptnr3_label_atom_id 
_struct_conn.pdbx_ptnr3_label_seq_id 
_struct_conn.pdbx_ptnr3_label_comp_id 
_struct_conn.pdbx_ptnr3_label_asym_id 
_struct_conn.pdbx_ptnr3_label_alt_id 
_struct_conn.pdbx_ptnr3_PDB_ins_code 
_struct_conn.details 
_struct_conn.pdbx_dist_value 
_struct_conn.pdbx_value_order 
_struct_conn.pdbx_role 
covale1 covale both ? A O65 1  CAJ ? ? ? 1_555 A LYS 2  N  ? ? A O65 101 A LYS 102 1_555 ? ? ? ? ? ? ? 1.336 ? ? 
covale2 covale one  ? A O65 1  CAH ? ? ? 1_555 A CYS 7  SG ? ? A O65 101 A CYS 107 1_555 ? ? ? ? ? ? ? 1.809 ? ? 
covale3 covale one  ? A O65 1  CAM ? ? ? 1_555 A CYS 10 SG ? ? A O65 101 A CYS 110 1_555 ? ? ? ? ? ? ? 1.804 ? ? 
covale4 covale both ? A LEU 12 C   ? ? ? 1_555 A NH2 13 N  ? ? A LEU 112 A NH2 113 1_555 ? ? ? ? ? ? ? 1.273 ? ? 
covale5 covale both ? B O65 1  CAJ ? ? ? 1_555 B LYS 2  N  ? ? B O65 101 B LYS 102 1_555 ? ? ? ? ? ? ? 1.389 ? ? 
covale6 covale one  ? B O65 1  CAH ? ? ? 1_555 B CYS 7  SG ? ? B O65 101 B CYS 107 1_555 ? ? ? ? ? ? ? 1.826 ? ? 
covale7 covale one  ? B O65 1  CAM ? ? ? 1_555 B CYS 10 SG ? ? B O65 101 B CYS 110 1_555 ? ? ? ? ? ? ? 1.837 ? ? 
covale8 covale both ? B LEU 12 C   ? ? ? 1_555 B NH2 13 N  ? ? B LEU 112 B NH2 113 1_555 ? ? ? ? ? ? ? 1.271 ? ? 
# 
_struct_conn_type.id          covale 
_struct_conn_type.criteria    ? 
_struct_conn_type.reference   ? 
# 
loop_
_pdbx_modification_feature.ordinal 
_pdbx_modification_feature.label_comp_id 
_pdbx_modification_feature.label_asym_id 
_pdbx_modification_feature.label_seq_id 
_pdbx_modification_feature.label_alt_id 
_pdbx_modification_feature.modified_residue_label_comp_id 
_pdbx_modification_feature.modified_residue_label_asym_id 
_pdbx_modification_feature.modified_residue_label_seq_id 
_pdbx_modification_feature.modified_residue_label_alt_id 
_pdbx_modification_feature.auth_comp_id 
_pdbx_modification_feature.auth_asym_id 
_pdbx_modification_feature.auth_seq_id 
_pdbx_modification_feature.PDB_ins_code 
_pdbx_modification_feature.symmetry 
_pdbx_modification_feature.modified_residue_auth_comp_id 
_pdbx_modification_feature.modified_residue_auth_asym_id 
_pdbx_modification_feature.modified_residue_auth_seq_id 
_pdbx_modification_feature.modified_residue_PDB_ins_code 
_pdbx_modification_feature.modified_residue_symmetry 
_pdbx_modification_feature.comp_id_linking_atom 
_pdbx_modification_feature.modified_residue_id_linking_atom 
_pdbx_modification_feature.modified_residue_id 
_pdbx_modification_feature.ref_pcm_id 
_pdbx_modification_feature.ref_comp_id 
_pdbx_modification_feature.type 
_pdbx_modification_feature.category 
1 O65 A 1  ? .   . .  . O65 A 101 ? 1_555 .   . .   . .     .   .  ?   1  O65 None 'Non-standard residue' 
2 O65 B 1  ? .   . .  . O65 B 101 ? 1_555 .   . .   . .     .   .  ?   1  O65 None 'Non-standard residue' 
3 NH2 A 13 ? LEU A 12 ? NH2 A 113 ? 1_555 LEU A 112 ? 1_555 .   .  LEU 14 NH2 None 'Terminal amidation'   
4 NH2 B 13 ? LEU B 12 ? NH2 B 113 ? 1_555 LEU B 112 ? 1_555 .   .  LEU 14 NH2 None 'Terminal amidation'   
5 O65 A 1  ? CYS A 7  ? O65 A 101 ? 1_555 CYS A 107 ? 1_555 CAH SG .   .  .   None 'Non-standard linkage' 
6 O65 A 1  ? CYS A 10 ? O65 A 101 ? 1_555 CYS A 110 ? 1_555 CAM SG .   .  .   None 'Non-standard linkage' 
7 O65 B 1  ? CYS B 7  ? O65 B 101 ? 1_555 CYS B 107 ? 1_555 CAH SG .   .  .   None 'Non-standard linkage' 
8 O65 B 1  ? CYS B 10 ? O65 B 101 ? 1_555 CYS B 110 ? 1_555 CAM SG .   .  .   None 'Non-standard linkage' 
# 
loop_
_struct_site.id 
_struct_site.pdbx_evidence_code 
_struct_site.pdbx_auth_asym_id 
_struct_site.pdbx_auth_comp_id 
_struct_site.pdbx_auth_seq_id 
_struct_site.pdbx_auth_ins_code 
_struct_site.pdbx_num_residues 
_struct_site.details 
AC1 Software A O65 101 ? 8  'binding site for residue O65 A 101'                 
AC2 Software A CIT 201 ? 9  'binding site for residue CIT A 201'                 
AC3 Software B CIT 201 ? 7  'binding site for residue CIT B 201'                 
AC4 Software B LEU 112 ? 6  'binding site for Di-peptide LEU B 12 and NH2 B 13'  
AC5 Software B O65 101 ? 12 'binding site for Di-peptide O65 B 101 and CYS B 10' 
AC6 Software B O65 101 ? 11 'binding site for Di-peptide O65 B 101 and CYS B 7'  
AC7 Software B O65 101 ? 11 'binding site for Di-peptide O65 B 101 and LYS B 2'  
# 
loop_
_struct_site_gen.id 
_struct_site_gen.site_id 
_struct_site_gen.pdbx_num_res 
_struct_site_gen.label_comp_id 
_struct_site_gen.label_asym_id 
_struct_site_gen.label_seq_id 
_struct_site_gen.pdbx_auth_ins_code 
_struct_site_gen.auth_comp_id 
_struct_site_gen.auth_asym_id 
_struct_site_gen.auth_seq_id 
_struct_site_gen.label_atom_id 
_struct_site_gen.label_alt_id 
_struct_site_gen.symmetry 
_struct_site_gen.details 
1  AC1 8  LYS A 2  ? LYS A 102 . ? 1_555 ? 
2  AC1 8  LYS A 3  ? LYS A 103 . ? 1_555 ? 
3  AC1 8  LYS A 6  ? LYS A 106 . ? 1_555 ? 
4  AC1 8  CYS A 7  ? CYS A 107 . ? 1_555 ? 
5  AC1 8  CYS A 10 ? CYS A 110 . ? 1_555 ? 
6  AC1 8  LEU A 11 ? LEU A 111 . ? 1_555 ? 
7  AC1 8  O65 B 1  ? O65 B 101 . ? 1_555 ? 
8  AC1 8  CIT C .  ? CIT A 201 . ? 1_555 ? 
9  AC2 9  LYS A 2  ? LYS A 102 . ? 1_555 ? 
10 AC2 9  LYS A 3  ? LYS A 103 . ? 1_455 ? 
11 AC2 9  O65 A 1  ? O65 A 101 . ? 1_555 ? 
12 AC2 9  HOH E .  ? HOH A 303 . ? 1_555 ? 
13 AC2 9  HOH E .  ? HOH A 304 . ? 1_555 ? 
14 AC2 9  HOH E .  ? HOH A 308 . ? 1_455 ? 
15 AC2 9  LYS B 2  ? LYS B 102 . ? 1_555 ? 
16 AC2 9  CIT D .  ? CIT B 201 . ? 1_555 ? 
17 AC2 9  HOH E .  ? HOH A 302 . ? 1_555 ? 
18 AC3 7  LYS A 2  ? LYS A 102 . ? 1_555 ? 
19 AC3 7  LYS B 2  ? LYS B 102 . ? 1_555 ? 
20 AC3 7  LYS B 3  ? LYS B 103 . ? 1_655 ? 
21 AC3 7  LYS B 6  ? LYS B 106 . ? 1_555 ? 
22 AC3 7  O65 B 1  ? O65 B 101 . ? 1_555 ? 
23 AC3 7  CIT C .  ? CIT A 201 . ? 1_555 ? 
24 AC3 7  HOH F .  ? HOH B 302 . ? 1_555 ? 
25 AC4 6  LEU B 4  ? LEU B 104 . ? 1_655 ? 
26 AC4 6  LEU B 5  ? LEU B 105 . ? 1_655 ? 
27 AC4 6  LEU B 8  ? LEU B 108 . ? 1_555 ? 
28 AC4 6  LYS B 9  ? LYS B 109 . ? 1_555 ? 
29 AC4 6  CYS B 10 ? CYS B 110 . ? 1_555 ? 
30 AC4 6  LEU B 11 ? LEU B 111 . ? 1_555 ? 
31 AC5 12 O65 A 1  ? O65 A 101 . ? 1_555 ? 
32 AC5 12 LYS B 2  ? LYS B 102 . ? 1_555 ? 
33 AC5 12 LYS B 3  ? LYS B 103 . ? 1_655 ? 
34 AC5 12 LYS B 3  ? LYS B 103 . ? 1_555 ? 
35 AC5 12 LYS B 6  ? LYS B 106 . ? 1_555 ? 
36 AC5 12 CYS B 7  ? CYS B 107 . ? 1_555 ? 
37 AC5 12 LEU B 8  ? LEU B 108 . ? 1_555 ? 
38 AC5 12 LYS B 9  ? LYS B 109 . ? 1_555 ? 
39 AC5 12 LEU B 11 ? LEU B 111 . ? 1_555 ? 
40 AC5 12 LEU B 12 ? LEU B 112 . ? 1_555 ? 
41 AC5 12 CIT D .  ? CIT B 201 . ? 1_555 ? 
42 AC5 12 HOH F .  ? HOH B 301 . ? 1_655 ? 
43 AC6 11 O65 A 1  ? O65 A 101 . ? 1_555 ? 
44 AC6 11 LYS B 2  ? LYS B 102 . ? 1_555 ? 
45 AC6 11 LYS B 3  ? LYS B 103 . ? 1_555 ? 
46 AC6 11 LEU B 4  ? LEU B 104 . ? 1_555 ? 
47 AC6 11 LEU B 5  ? LEU B 105 . ? 1_555 ? 
48 AC6 11 LYS B 6  ? LYS B 106 . ? 1_555 ? 
49 AC6 11 LEU B 8  ? LEU B 108 . ? 1_555 ? 
50 AC6 11 LYS B 9  ? LYS B 109 . ? 1_555 ? 
51 AC6 11 CYS B 10 ? CYS B 110 . ? 1_555 ? 
52 AC6 11 LEU B 11 ? LEU B 111 . ? 1_555 ? 
53 AC6 11 CIT D .  ? CIT B 201 . ? 1_555 ? 
54 AC7 11 LYS A 2  ? LYS A 102 . ? 1_455 ? 
55 AC7 11 O65 A 1  ? O65 A 101 . ? 1_555 ? 
56 AC7 11 LYS B 3  ? LYS B 103 . ? 1_555 ? 
57 AC7 11 LYS B 6  ? LYS B 106 . ? 1_555 ? 
58 AC7 11 CYS B 7  ? CYS B 107 . ? 1_555 ? 
59 AC7 11 CYS B 10 ? CYS B 110 . ? 1_555 ? 
60 AC7 11 CIT C .  ? CIT A 201 . ? 1_555 ? 
61 AC7 11 CIT D .  ? CIT B 201 . ? 1_555 ? 
62 AC7 11 HOH F .  ? HOH B 301 . ? 1_555 ? 
63 AC7 11 HOH F .  ? HOH B 303 . ? 1_555 ? 
64 AC7 11 HOH F .  ? HOH B 304 . ? 1_555 ? 
# 
_pdbx_entry_details.entry_id                   6Y14 
_pdbx_entry_details.has_ligand_of_interest     N 
_pdbx_entry_details.compound_details           ? 
_pdbx_entry_details.source_details             ? 
_pdbx_entry_details.nonpolymer_details         ? 
_pdbx_entry_details.sequence_details           ? 
_pdbx_entry_details.has_protein_modification   Y 
# 
_phasing.method   AB_INITIO 
# 
loop_
_chem_comp_atom.comp_id 
_chem_comp_atom.atom_id 
_chem_comp_atom.type_symbol 
_chem_comp_atom.pdbx_aromatic_flag 
_chem_comp_atom.pdbx_stereo_config 
_chem_comp_atom.pdbx_ordinal 
CIT C1   C N N 1   
CIT O1   O N N 2   
CIT O2   O N N 3   
CIT C2   C N N 4   
CIT C3   C N N 5   
CIT O7   O N N 6   
CIT C4   C N N 7   
CIT C5   C N N 8   
CIT O3   O N N 9   
CIT O4   O N N 10  
CIT C6   C N N 11  
CIT O5   O N N 12  
CIT O6   O N N 13  
CIT HO2  H N N 14  
CIT H21  H N N 15  
CIT H22  H N N 16  
CIT HO7  H N N 17  
CIT H41  H N N 18  
CIT H42  H N N 19  
CIT HO4  H N N 20  
CIT HO6  H N N 21  
CYS N    N N N 22  
CYS CA   C N R 23  
CYS C    C N N 24  
CYS O    O N N 25  
CYS CB   C N N 26  
CYS SG   S N N 27  
CYS OXT  O N N 28  
CYS H    H N N 29  
CYS H2   H N N 30  
CYS HA   H N N 31  
CYS HB2  H N N 32  
CYS HB3  H N N 33  
CYS HG   H N N 34  
CYS HXT  H N N 35  
HOH O    O N N 36  
HOH H1   H N N 37  
HOH H2   H N N 38  
LEU N    N N N 39  
LEU CA   C N S 40  
LEU C    C N N 41  
LEU O    O N N 42  
LEU CB   C N N 43  
LEU CG   C N N 44  
LEU CD1  C N N 45  
LEU CD2  C N N 46  
LEU OXT  O N N 47  
LEU H    H N N 48  
LEU H2   H N N 49  
LEU HA   H N N 50  
LEU HB2  H N N 51  
LEU HB3  H N N 52  
LEU HG   H N N 53  
LEU HD11 H N N 54  
LEU HD12 H N N 55  
LEU HD13 H N N 56  
LEU HD21 H N N 57  
LEU HD22 H N N 58  
LEU HD23 H N N 59  
LEU HXT  H N N 60  
LYS N    N N N 61  
LYS CA   C N S 62  
LYS C    C N N 63  
LYS O    O N N 64  
LYS CB   C N N 65  
LYS CG   C N N 66  
LYS CD   C N N 67  
LYS CE   C N N 68  
LYS NZ   N N N 69  
LYS OXT  O N N 70  
LYS H    H N N 71  
LYS H2   H N N 72  
LYS HA   H N N 73  
LYS HB2  H N N 74  
LYS HB3  H N N 75  
LYS HG2  H N N 76  
LYS HG3  H N N 77  
LYS HD2  H N N 78  
LYS HD3  H N N 79  
LYS HE2  H N N 80  
LYS HE3  H N N 81  
LYS HZ1  H N N 82  
LYS HZ2  H N N 83  
LYS HZ3  H N N 84  
LYS HXT  H N N 85  
NH2 N    N N N 86  
NH2 HN1  H N N 87  
NH2 HN2  H N N 88  
O65 CAA  C N N 89  
O65 CAB  C Y N 90  
O65 CAC  C Y N 91  
O65 CAD  C Y N 92  
O65 CAE  C Y N 93  
O65 CAF  C Y N 94  
O65 CAG  C Y N 95  
O65 CAH  C N N 96  
O65 CAJ  C N N 97  
O65 CAM  C N N 98  
O65 OAK  O N N 99  
O65 O1   O N N 100 
O65 O2   O N N 101 
O65 H1   H N N 102 
O65 H2   H N N 103 
O65 H3   H N N 104 
O65 H4   H N N 105 
O65 H5   H N N 106 
O65 H6   H N N 107 
O65 H7   H N N 108 
O65 H9   H N N 109 
O65 H10  H N N 110 
O65 H11  H N N 111 
O65 H12  H N N 112 
O65 O3   O N N 113 
O65 H8   H N N 114 
# 
loop_
_chem_comp_bond.comp_id 
_chem_comp_bond.atom_id_1 
_chem_comp_bond.atom_id_2 
_chem_comp_bond.value_order 
_chem_comp_bond.pdbx_aromatic_flag 
_chem_comp_bond.pdbx_stereo_config 
_chem_comp_bond.pdbx_ordinal 
CIT C1  O1   doub N N 1   
CIT C1  O2   sing N N 2   
CIT C1  C2   sing N N 3   
CIT O2  HO2  sing N N 4   
CIT C2  C3   sing N N 5   
CIT C2  H21  sing N N 6   
CIT C2  H22  sing N N 7   
CIT C3  O7   sing N N 8   
CIT C3  C4   sing N N 9   
CIT C3  C6   sing N N 10  
CIT O7  HO7  sing N N 11  
CIT C4  C5   sing N N 12  
CIT C4  H41  sing N N 13  
CIT C4  H42  sing N N 14  
CIT C5  O3   doub N N 15  
CIT C5  O4   sing N N 16  
CIT O4  HO4  sing N N 17  
CIT C6  O5   doub N N 18  
CIT C6  O6   sing N N 19  
CIT O6  HO6  sing N N 20  
CYS N   CA   sing N N 21  
CYS N   H    sing N N 22  
CYS N   H2   sing N N 23  
CYS CA  C    sing N N 24  
CYS CA  CB   sing N N 25  
CYS CA  HA   sing N N 26  
CYS C   O    doub N N 27  
CYS C   OXT  sing N N 28  
CYS CB  SG   sing N N 29  
CYS CB  HB2  sing N N 30  
CYS CB  HB3  sing N N 31  
CYS SG  HG   sing N N 32  
CYS OXT HXT  sing N N 33  
HOH O   H1   sing N N 34  
HOH O   H2   sing N N 35  
LEU N   CA   sing N N 36  
LEU N   H    sing N N 37  
LEU N   H2   sing N N 38  
LEU CA  C    sing N N 39  
LEU CA  CB   sing N N 40  
LEU CA  HA   sing N N 41  
LEU C   O    doub N N 42  
LEU C   OXT  sing N N 43  
LEU CB  CG   sing N N 44  
LEU CB  HB2  sing N N 45  
LEU CB  HB3  sing N N 46  
LEU CG  CD1  sing N N 47  
LEU CG  CD2  sing N N 48  
LEU CG  HG   sing N N 49  
LEU CD1 HD11 sing N N 50  
LEU CD1 HD12 sing N N 51  
LEU CD1 HD13 sing N N 52  
LEU CD2 HD21 sing N N 53  
LEU CD2 HD22 sing N N 54  
LEU CD2 HD23 sing N N 55  
LEU OXT HXT  sing N N 56  
LYS N   CA   sing N N 57  
LYS N   H    sing N N 58  
LYS N   H2   sing N N 59  
LYS CA  C    sing N N 60  
LYS CA  CB   sing N N 61  
LYS CA  HA   sing N N 62  
LYS C   O    doub N N 63  
LYS C   OXT  sing N N 64  
LYS CB  CG   sing N N 65  
LYS CB  HB2  sing N N 66  
LYS CB  HB3  sing N N 67  
LYS CG  CD   sing N N 68  
LYS CG  HG2  sing N N 69  
LYS CG  HG3  sing N N 70  
LYS CD  CE   sing N N 71  
LYS CD  HD2  sing N N 72  
LYS CD  HD3  sing N N 73  
LYS CE  NZ   sing N N 74  
LYS CE  HE2  sing N N 75  
LYS CE  HE3  sing N N 76  
LYS NZ  HZ1  sing N N 77  
LYS NZ  HZ2  sing N N 78  
LYS NZ  HZ3  sing N N 79  
LYS OXT HXT  sing N N 80  
NH2 N   HN1  sing N N 81  
NH2 N   HN2  sing N N 82  
O65 CAJ CAE  sing N N 83  
O65 CAJ OAK  doub N N 84  
O65 CAD CAE  doub Y N 85  
O65 CAD CAC  sing Y N 86  
O65 CAE CAF  sing Y N 87  
O65 CAM CAC  sing N N 88  
O65 CAC CAB  doub Y N 89  
O65 CAF CAG  doub Y N 90  
O65 CAB CAG  sing Y N 91  
O65 CAB CAA  sing N N 92  
O65 CAG CAH  sing N N 93  
O65 CAH O1   sing N N 94  
O65 CAM O2   sing N N 95  
O65 CAA H1   sing N N 96  
O65 CAA H2   sing N N 97  
O65 CAA H3   sing N N 98  
O65 CAD H4   sing N N 99  
O65 CAF H5   sing N N 100 
O65 CAH H6   sing N N 101 
O65 CAH H7   sing N N 102 
O65 CAM H9   sing N N 103 
O65 CAM H10  sing N N 104 
O65 O1  H11  sing N N 105 
O65 O2  H12  sing N N 106 
O65 CAJ O3   sing N N 107 
O65 O3  H8   sing N N 108 
# 
_pdbx_audit_support.funding_organization   'Swiss National Science Foundation' 
_pdbx_audit_support.country                Switzerland 
_pdbx_audit_support.grant_number           ? 
_pdbx_audit_support.ordinal                1 
# 
_atom_sites.entry_id                    6Y14 
_atom_sites.Cartn_transf_matrix[1][1]   ? 
_atom_sites.Cartn_transf_matrix[1][2]   ? 
_atom_sites.Cartn_transf_matrix[1][3]   ? 
_atom_sites.Cartn_transf_matrix[2][1]   ? 
_atom_sites.Cartn_transf_matrix[2][2]   ? 
_atom_sites.Cartn_transf_matrix[2][3]   ? 
_atom_sites.Cartn_transf_matrix[3][1]   ? 
_atom_sites.Cartn_transf_matrix[3][2]   ? 
_atom_sites.Cartn_transf_matrix[3][3]   ? 
_atom_sites.Cartn_transf_vector[1]      ? 
_atom_sites.Cartn_transf_vector[2]      ? 
_atom_sites.Cartn_transf_vector[3]      ? 
_atom_sites.fract_transf_matrix[1][1]   0.01918059 
_atom_sites.fract_transf_matrix[1][2]   0.05949567 
_atom_sites.fract_transf_matrix[1][3]   0.00066819 
_atom_sites.fract_transf_matrix[2][1]   -0.03393917 
_atom_sites.fract_transf_matrix[2][2]   0.02133468 
_atom_sites.fract_transf_matrix[2][3]   0.01304494 
_atom_sites.fract_transf_matrix[3][1]   -0.00042570 
_atom_sites.fract_transf_matrix[3][2]   0.00451363 
_atom_sites.fract_transf_matrix[3][3]   0.03588273 
_atom_sites.fract_transf_vector[1]      0.230808 
_atom_sites.fract_transf_vector[2]      0.436398 
_atom_sites.fract_transf_vector[3]      0.194932 
_atom_sites.solution_primary            ? 
_atom_sites.solution_secondary          ? 
_atom_sites.solution_hydrogens          ? 
_atom_sites.special_details             ? 
# 
loop_
_atom_type.symbol 
C 
H 
N 
O 
S 
# 
loop_
_atom_site.group_PDB 
_atom_site.id 
_atom_site.type_symbol 
_atom_site.label_atom_id 
_atom_site.label_alt_id 
_atom_site.label_comp_id 
_atom_site.label_asym_id 
_atom_site.label_entity_id 
_atom_site.label_seq_id 
_atom_site.pdbx_PDB_ins_code 
_atom_site.Cartn_x 
_atom_site.Cartn_y 
_atom_site.Cartn_z 
_atom_site.occupancy 
_atom_site.B_iso_or_equiv 
_atom_site.pdbx_formal_charge 
_atom_site.auth_seq_id 
_atom_site.auth_comp_id 
_atom_site.auth_asym_id 
_atom_site.auth_atom_id 
_atom_site.pdbx_PDB_model_num 
HETATM 1   C CAA  . O65 A 1 1  ? 0.867   -2.111  -0.931 1.00 3.95 ? 101 O65 A CAA  1 
HETATM 2   C CAB  . O65 A 1 1  ? 1.574   -0.922  -0.322 1.00 3.95 ? 101 O65 A CAB  1 
HETATM 3   C CAC  . O65 A 1 1  ? 1.608   -0.726  1.044  1.00 3.95 ? 101 O65 A CAC  1 
HETATM 4   C CAD  . O65 A 1 1  ? 2.300   0.344   1.622  1.00 3.95 ? 101 O65 A CAD  1 
HETATM 5   C CAE  . O65 A 1 1  ? 2.919   1.286   0.765  1.00 3.95 ? 101 O65 A CAE  1 
HETATM 6   C CAF  . O65 A 1 1  ? 2.887   1.077   -0.576 1.00 3.95 ? 101 O65 A CAF  1 
HETATM 7   C CAG  . O65 A 1 1  ? 2.321   -0.009  -1.145 1.00 3.95 ? 101 O65 A CAG  1 
HETATM 8   C CAH  . O65 A 1 1  ? 2.504   -0.199  -2.645 1.00 3.95 ? 101 O65 A CAH  1 
HETATM 9   C CAJ  . O65 A 1 1  ? 3.566   2.515   1.387  1.00 3.95 ? 101 O65 A CAJ  1 
HETATM 10  C CAM  . O65 A 1 1  ? 0.747   -1.556  1.986  1.00 3.95 ? 101 O65 A CAM  1 
HETATM 11  O OAK  . O65 A 1 1  ? 4.163   2.436   2.456  1.00 3.95 ? 101 O65 A OAK  1 
HETATM 12  H H1   . O65 A 1 1  ? 1.116   -2.909  -0.458 1.00 3.95 ? 101 O65 A H1   1 
HETATM 13  H H2   . O65 A 1 1  ? 1.120   -2.195  -1.854 1.00 3.95 ? 101 O65 A H2   1 
HETATM 14  H H3   . O65 A 1 1  ? -0.083  -1.986  -0.870 1.00 3.95 ? 101 O65 A H3   1 
HETATM 15  H H4   . O65 A 1 1  ? 2.352   0.433   2.546  1.00 3.95 ? 101 O65 A H4   1 
HETATM 16  H H5   . O65 A 1 1  ? 3.276   1.715   -1.130 1.00 3.95 ? 101 O65 A H5   1 
HETATM 17  H H6   . O65 A 1 1  ? 2.617   0.673   -3.057 1.00 3.95 ? 101 O65 A H6   1 
HETATM 18  H H7   . O65 A 1 1  ? 1.696   -0.592  -3.009 1.00 3.95 ? 101 O65 A H7   1 
HETATM 19  H H9   . O65 A 1 1  ? 0.812   -1.152  2.866  1.00 3.95 ? 101 O65 A H9   1 
HETATM 20  H H10  . O65 A 1 1  ? -0.173  -1.455  1.697  1.00 3.95 ? 101 O65 A H10  1 
ATOM   21  N N    . LYS A 1 2  ? 3.503   3.613   0.630  1.00 3.95 ? 102 LYS A N    1 
ATOM   22  C CA   . LYS A 1 2  ? 3.932   4.966   0.958  1.00 3.95 ? 102 LYS A CA   1 
ATOM   23  C C    . LYS A 1 2  ? 5.414   5.214   0.611  1.00 3.95 ? 102 LYS A C    1 
ATOM   24  O O    . LYS A 1 2  ? 5.745   6.397   0.453  1.00 3.95 ? 102 LYS A O    1 
ATOM   25  C CB   . LYS A 1 2  ? 3.600   5.345   2.386  1.00 3.95 ? 102 LYS A CB   1 
ATOM   26  C CG   . LYS A 1 2  ? 2.109   5.261   2.647  1.00 3.95 ? 102 LYS A CG   1 
ATOM   27  C CD   . LYS A 1 2  ? 1.734   5.230   4.112  1.00 3.95 ? 102 LYS A CD   1 
ATOM   28  C CE   . LYS A 1 2  ? 2.068   3.883   4.748  1.00 3.95 ? 102 LYS A CE   1 
ATOM   29  N NZ   . LYS A 1 2  ? 1.863   3.972   6.226  1.00 3.95 ? 102 LYS A NZ   1 
ATOM   30  H H    . LYS A 1 2  ? 3.167   3.508   -0.154 1.00 3.95 ? 102 LYS A H    1 
ATOM   31  H HA   . LYS A 1 2  ? 3.410   5.568   0.386  1.00 3.95 ? 102 LYS A HA   1 
ATOM   32  H HB2  . LYS A 1 2  ? 4.067   4.748   2.992  1.00 3.95 ? 102 LYS A HB2  1 
ATOM   33  H HB3  . LYS A 1 2  ? 3.908   6.248   2.558  1.00 3.95 ? 102 LYS A HB3  1 
ATOM   34  H HG2  . LYS A 1 2  ? 1.679   6.026   2.233  1.00 3.95 ? 102 LYS A HG2  1 
ATOM   35  H HG3  . LYS A 1 2  ? 1.763   4.463   2.221  1.00 3.95 ? 102 LYS A HG3  1 
ATOM   36  H HD2  . LYS A 1 2  ? 2.210   5.933   4.580  1.00 3.95 ? 102 LYS A HD2  1 
ATOM   37  H HD3  . LYS A 1 2  ? 0.783   5.400   4.203  1.00 3.95 ? 102 LYS A HD3  1 
ATOM   38  H HE2  . LYS A 1 2  ? 1.496   3.192   4.377  1.00 3.95 ? 102 LYS A HE2  1 
ATOM   39  H HE3  . LYS A 1 2  ? 2.990   3.647   4.556  1.00 3.95 ? 102 LYS A HE3  1 
ATOM   40  H HZ1  . LYS A 1 2  ? 0.997   3.876   6.412  1.00 3.95 ? 102 LYS A HZ1  1 
ATOM   41  H HZ2  . LYS A 1 2  ? 2.142   4.767   6.516  1.00 3.95 ? 102 LYS A HZ2  1 
ATOM   42  H HZ3  . LYS A 1 2  ? 2.326   3.330   6.629  1.00 3.95 ? 102 LYS A HZ3  1 
ATOM   43  N N    . LYS A 1 3  ? 6.219   4.180   0.519  1.00 3.95 ? 103 LYS A N    1 
ATOM   44  C CA   . LYS A 1 3  ? 7.600   4.214   0.028  1.00 3.95 ? 103 LYS A CA   1 
ATOM   45  C C    . LYS A 1 3  ? 7.795   2.906   -0.709 1.00 3.95 ? 103 LYS A C    1 
ATOM   46  O O    . LYS A 1 3  ? 7.047   1.932   -0.511 1.00 3.95 ? 103 LYS A O    1 
ATOM   47  C CB   . LYS A 1 3  ? 8.610   4.375   1.170  1.00 3.95 ? 103 LYS A CB   1 
ATOM   48  C CG   . LYS A 1 3  ? 8.384   5.608   2.011  1.00 3.95 ? 103 LYS A CG   1 
ATOM   49  C CD   . LYS A 1 3  ? 9.465   5.804   3.061  1.00 3.95 ? 103 LYS A CD   1 
ATOM   50  C CE   . LYS A 1 3  ? 9.312   7.130   3.749  1.00 3.95 ? 103 LYS A CE   1 
ATOM   51  N NZ   . LYS A 1 3  ? 10.242  7.325   4.895  1.00 3.95 ? 103 LYS A NZ   1 
ATOM   52  H H    . LYS A 1 3  ? 5.909   3.418   0.767  1.00 3.95 ? 103 LYS A H    1 
ATOM   53  H HA   . LYS A 1 3  ? 7.702   4.958   -0.602 1.00 3.95 ? 103 LYS A HA   1 
ATOM   54  H HB2  . LYS A 1 3  ? 8.563   3.593   1.743  1.00 3.95 ? 103 LYS A HB2  1 
ATOM   55  H HB3  . LYS A 1 3  ? 9.504   4.412   0.795  1.00 3.95 ? 103 LYS A HB3  1 
ATOM   56  H HG2  . LYS A 1 3  ? 8.357   6.386   1.433  1.00 3.95 ? 103 LYS A HG2  1 
ATOM   57  H HG3  . LYS A 1 3  ? 7.523   5.537   2.452  1.00 3.95 ? 103 LYS A HG3  1 
ATOM   58  H HD2  . LYS A 1 3  ? 9.412   5.091   3.716  1.00 3.95 ? 103 LYS A HD2  1 
ATOM   59  H HD3  . LYS A 1 3  ? 10.336  5.758   2.637  1.00 3.95 ? 103 LYS A HD3  1 
ATOM   60  H HE2  . LYS A 1 3  ? 9.463   7.837   3.102  1.00 3.95 ? 103 LYS A HE2  1 
ATOM   61  H HE3  . LYS A 1 3  ? 8.400   7.212   4.068  1.00 3.95 ? 103 LYS A HE3  1 
ATOM   62  H HZ1  . LYS A 1 3  ? 11.027  6.954   4.706  1.00 3.95 ? 103 LYS A HZ1  1 
ATOM   63  H HZ2  . LYS A 1 3  ? 9.900   6.942   5.623  1.00 3.95 ? 103 LYS A HZ2  1 
ATOM   64  H HZ3  . LYS A 1 3  ? 10.351  8.196   5.043  1.00 3.95 ? 103 LYS A HZ3  1 
ATOM   65  N N    . LEU A 1 4  ? 8.814   2.820   -1.572 1.00 3.95 ? 104 LEU A N    1 
ATOM   66  C CA   . LEU A 1 4  ? 8.926   1.626   -2.438 1.00 3.95 ? 104 LEU A CA   1 
ATOM   67  C C    . LEU A 1 4  ? 9.282   0.345   -1.669 1.00 3.95 ? 104 LEU A C    1 
ATOM   68  O O    . LEU A 1 4  ? 8.642   -0.697  -1.919 1.00 3.95 ? 104 LEU A O    1 
ATOM   69  C CB   . LEU A 1 4  ? 9.922   1.872   -3.580 1.00 3.95 ? 104 LEU A CB   1 
ATOM   70  C CG   . LEU A 1 4  ? 9.400   2.847   -4.631 1.00 3.95 ? 104 LEU A CG   1 
ATOM   71  C CD1  . LEU A 1 4  ? 10.527  3.359   -5.490 1.00 3.95 ? 104 LEU A CD1  1 
ATOM   72  C CD2  . LEU A 1 4  ? 8.348   2.184   -5.499 1.00 3.95 ? 104 LEU A CD2  1 
ATOM   73  H H    . LEU A 1 4  ? 9.396   3.451   -1.624 1.00 3.95 ? 104 LEU A H    1 
ATOM   74  H HA   . LEU A 1 4  ? 8.048   1.481   -2.847 1.00 3.95 ? 104 LEU A HA   1 
ATOM   75  H HB2  . LEU A 1 4  ? 10.747  2.222   -3.208 1.00 3.95 ? 104 LEU A HB2  1 
ATOM   76  H HB3  . LEU A 1 4  ? 10.126  1.026   -4.008 1.00 3.95 ? 104 LEU A HB3  1 
ATOM   77  H HG   . LEU A 1 4  ? 8.989   3.609   -4.172 1.00 3.95 ? 104 LEU A HG   1 
ATOM   78  H HD11 . LEU A 1 4  ? 11.280  3.573   -4.936 1.00 3.95 ? 104 LEU A HD11 1 
ATOM   79  H HD12 . LEU A 1 4  ? 10.240  4.145   -5.959 1.00 3.95 ? 104 LEU A HD12 1 
ATOM   80  H HD13 . LEU A 1 4  ? 10.779  2.681   -6.124 1.00 3.95 ? 104 LEU A HD13 1 
ATOM   81  H HD21 . LEU A 1 4  ? 8.774   1.595   -6.126 1.00 3.95 ? 104 LEU A HD21 1 
ATOM   82  H HD22 . LEU A 1 4  ? 7.856   2.857   -5.976 1.00 3.95 ? 104 LEU A HD22 1 
ATOM   83  H HD23 . LEU A 1 4  ? 7.746   1.681   -4.944 1.00 3.95 ? 104 LEU A HD23 1 
ATOM   84  N N    . LEU A 1 5  ? 10.232  0.389   -0.800 1.00 3.95 ? 105 LEU A N    1 
ATOM   85  C CA   . LEU A 1 5  ? 10.589  -0.827  -0.055 1.00 3.95 ? 105 LEU A CA   1 
ATOM   86  C C    . LEU A 1 5  ? 9.427   -1.191  0.873  1.00 3.95 ? 105 LEU A C    1 
ATOM   87  O O    . LEU A 1 5  ? 9.132   -2.382  1.025  1.00 3.95 ? 105 LEU A O    1 
ATOM   88  C CB   . LEU A 1 5  ? 11.899  -0.698  0.710  1.00 3.95 ? 105 LEU A CB   1 
ATOM   89  C CG   . LEU A 1 5  ? 13.157  -0.558  -0.160 1.00 3.95 ? 105 LEU A CG   1 
ATOM   90  C CD1  . LEU A 1 5  ? 14.403  -0.617  0.710  1.00 3.95 ? 105 LEU A CD1  1 
ATOM   91  C CD2  . LEU A 1 5  ? 13.263  -1.564  -1.273 1.00 3.95 ? 105 LEU A CD2  1 
ATOM   92  H H    . LEU A 1 5  ? 10.655  1.124   -0.658 1.00 3.95 ? 105 LEU A H    1 
ATOM   93  H HA   . LEU A 1 5  ? 10.692  -1.555  -0.703 1.00 3.95 ? 105 LEU A HA   1 
ATOM   94  H HB2  . LEU A 1 5  ? 11.840  0.076   1.291  1.00 3.95 ? 105 LEU A HB2  1 
ATOM   95  H HB3  . LEU A 1 5  ? 12.002  -1.480  1.275  1.00 3.95 ? 105 LEU A HB3  1 
ATOM   96  H HG   . LEU A 1 5  ? 13.130  0.331   -0.572 1.00 3.95 ? 105 LEU A HG   1 
ATOM   97  H HD11 . LEU A 1 5  ? 14.196  -0.291  1.589  1.00 3.95 ? 105 LEU A HD11 1 
ATOM   98  H HD12 . LEU A 1 5  ? 15.092  -0.071  0.321  1.00 3.95 ? 105 LEU A HD12 1 
ATOM   99  H HD13 . LEU A 1 5  ? 14.710  -1.524  0.769  1.00 3.95 ? 105 LEU A HD13 1 
ATOM   100 H HD21 . LEU A 1 5  ? 13.109  -2.444  -0.925 1.00 3.95 ? 105 LEU A HD21 1 
ATOM   101 H HD22 . LEU A 1 5  ? 14.142  -1.522  -1.658 1.00 3.95 ? 105 LEU A HD22 1 
ATOM   102 H HD23 . LEU A 1 5  ? 12.609  -1.366  -1.947 1.00 3.95 ? 105 LEU A HD23 1 
ATOM   103 N N    . LYS A 1 6  ? 8.780   -0.203  1.450  1.00 3.95 ? 106 LYS A N    1 
ATOM   104 C CA   . LYS A 1 6  ? 7.571   -0.450  2.258  1.00 3.95 ? 106 LYS A CA   1 
ATOM   105 C C    . LYS A 1 6  ? 6.493   -1.118  1.424  1.00 3.95 ? 106 LYS A C    1 
ATOM   106 O O    . LYS A 1 6  ? 5.779   -1.998  1.915  1.00 3.95 ? 106 LYS A O    1 
ATOM   107 C CB   . LYS A 1 6  ? 7.006   0.858   2.829  1.00 3.95 ? 106 LYS A CB   1 
ATOM   108 C CG   . LYS A 1 6  ? 7.739   1.403   4.043  1.00 3.95 ? 106 LYS A CG   1 
ATOM   109 C CD   . LYS A 1 6  ? 7.036   2.579   4.655  1.00 3.95 ? 106 LYS A CD   1 
ATOM   110 C CE   . LYS A 1 6  ? 7.652   2.964   5.987  1.00 3.95 ? 106 LYS A CE   1 
ATOM   111 N NZ   . LYS A 1 6  ? 6.767   3.934   6.679  1.00 3.95 ? 106 LYS A NZ   1 
ATOM   112 H H    . LYS A 1 6  ? 9.067   0.603   1.355  1.00 3.95 ? 106 LYS A H    1 
ATOM   113 H HA   . LYS A 1 6  ? 7.806   -1.042  3.002  1.00 3.95 ? 106 LYS A HA   1 
ATOM   114 H HB2  . LYS A 1 6  ? 7.024   1.531   2.131  1.00 3.95 ? 106 LYS A HB2  1 
ATOM   115 H HB3  . LYS A 1 6  ? 6.078   0.712   3.070  1.00 3.95 ? 106 LYS A HB3  1 
ATOM   116 H HG2  . LYS A 1 6  ? 7.820   0.701   4.707  1.00 3.95 ? 106 LYS A HG2  1 
ATOM   117 H HG3  . LYS A 1 6  ? 8.633   1.670   3.780  1.00 3.95 ? 106 LYS A HG3  1 
ATOM   118 H HD2  . LYS A 1 6  ? 7.085   3.334   4.049  1.00 3.95 ? 106 LYS A HD2  1 
ATOM   119 H HD3  . LYS A 1 6  ? 6.099   2.361   4.786  1.00 3.95 ? 106 LYS A HD3  1 
ATOM   120 H HE2  . LYS A 1 6  ? 7.765   2.173   6.537  1.00 3.95 ? 106 LYS A HE2  1 
ATOM   121 H HE3  . LYS A 1 6  ? 8.524   3.361   5.842  1.00 3.95 ? 106 LYS A HE3  1 
ATOM   122 H HZ1  . LYS A 1 6  ? 6.332   4.422   6.075  1.00 3.95 ? 106 LYS A HZ1  1 
ATOM   123 H HZ2  . LYS A 1 6  ? 7.259   4.469   7.194  1.00 3.95 ? 106 LYS A HZ2  1 
ATOM   124 H HZ3  . LYS A 1 6  ? 6.182   3.494   7.183  1.00 3.95 ? 106 LYS A HZ3  1 
ATOM   125 N N    . CYS A 1 7  ? 6.321   -0.709  0.160  1.00 3.95 ? 107 CYS A N    1 
ATOM   126 C CA   . CYS A 1 7  ? 5.335   -1.338  -0.676 1.00 3.95 ? 107 CYS A CA   1 
ATOM   127 C C    . CYS A 1 7  ? 5.633   -2.814  -0.885 1.00 3.95 ? 107 CYS A C    1 
ATOM   128 O O    . CYS A 1 7  ? 4.725   -3.653  -0.767 1.00 3.95 ? 107 CYS A O    1 
ATOM   129 C CB   . CYS A 1 7  ? 5.261   -0.610  -2.054 1.00 3.95 ? 107 CYS A CB   1 
ATOM   130 S SG   . CYS A 1 7  ? 3.911   -1.241  -3.101 1.00 3.95 ? 107 CYS A SG   1 
ATOM   131 H H    . CYS A 1 7  ? 6.801   -0.069  -0.152 1.00 3.95 ? 107 CYS A H    1 
ATOM   132 H HA   . CYS A 1 7  ? 4.462   -1.257  -0.237 1.00 3.95 ? 107 CYS A HA   1 
ATOM   133 H HB2  . CYS A 1 7  ? 5.129   0.341   -1.905 1.00 3.95 ? 107 CYS A HB2  1 
ATOM   134 H HB3  . CYS A 1 7  ? 6.104   -0.724  -2.519 1.00 3.95 ? 107 CYS A HB3  1 
ATOM   135 N N    . LEU A 1 8  ? 6.880   -3.142  -1.206 1.00 3.95 ? 108 LEU A N    1 
ATOM   136 C CA   . LEU A 1 8  ? 7.266   -4.543  -1.383 1.00 3.95 ? 108 LEU A CA   1 
ATOM   137 C C    . LEU A 1 8  ? 6.977   -5.350  -0.121 1.00 3.95 ? 108 LEU A C    1 
ATOM   138 O O    . LEU A 1 8  ? 6.432   -6.470  -0.212 1.00 3.95 ? 108 LEU A O    1 
ATOM   139 C CB   . LEU A 1 8  ? 8.717   -4.663  -1.743 1.00 3.95 ? 108 LEU A CB   1 
ATOM   140 C CG   . LEU A 1 8  ? 9.130   -4.029  -3.088 1.00 3.95 ? 108 LEU A CG   1 
ATOM   141 C CD1  . LEU A 1 8  ? 10.644  -4.069  -3.216 1.00 3.95 ? 108 LEU A CD1  1 
ATOM   142 C CD2  . LEU A 1 8  ? 8.453   -4.717  -4.279 1.00 3.95 ? 108 LEU A CD2  1 
ATOM   143 H H    . LEU A 1 8  ? 7.468   -2.523  -1.313 1.00 3.95 ? 108 LEU A H    1 
ATOM   144 H HA   . LEU A 1 8  ? 6.735   -4.919  -2.116 1.00 3.95 ? 108 LEU A HA   1 
ATOM   145 H HB2  . LEU A 1 8  ? 9.240   -4.251  -1.038 1.00 3.95 ? 108 LEU A HB2  1 
ATOM   146 H HB3  . LEU A 1 8  ? 8.949   -5.604  -1.765 1.00 3.95 ? 108 LEU A HB3  1 
ATOM   147 H HG   . LEU A 1 8  ? 8.851   -3.090  -3.080 1.00 3.95 ? 108 LEU A HG   1 
ATOM   148 H HD11 . LEU A 1 8  ? 11.036  -3.496  -2.553 1.00 3.95 ? 108 LEU A HD11 1 
ATOM   149 H HD12 . LEU A 1 8  ? 10.899  -3.766  -4.091 1.00 3.95 ? 108 LEU A HD12 1 
ATOM   150 H HD13 . LEU A 1 8  ? 10.953  -4.968  -3.086 1.00 3.95 ? 108 LEU A HD13 1 
ATOM   151 H HD21 . LEU A 1 8  ? 8.652   -5.656  -4.263 1.00 3.95 ? 108 LEU A HD21 1 
ATOM   152 H HD22 . LEU A 1 8  ? 8.779   -4.335  -5.097 1.00 3.95 ? 108 LEU A HD22 1 
ATOM   153 H HD23 . LEU A 1 8  ? 7.502   -4.590  -4.224 1.00 3.95 ? 108 LEU A HD23 1 
ATOM   154 N N    . LYS A 1 9  ? 7.326   -4.820  1.021  1.00 3.95 ? 109 LYS A N    1 
ATOM   155 C CA   . LYS A 1 9  ? 7.119   -5.515  2.292  1.00 3.95 ? 109 LYS A CA   1 
ATOM   156 C C    . LYS A 1 9  ? 5.615   -5.704  2.529  1.00 3.95 ? 109 LYS A C    1 
ATOM   157 O O    . LYS A 1 9  ? 5.187   -6.782  2.994  1.00 3.95 ? 109 LYS A O    1 
ATOM   158 C CB   . LYS A 1 9  ? 7.787   -4.764  3.423  1.00 3.95 ? 109 LYS A CB   1 
ATOM   159 C CG   . LYS A 1 9  ? 7.664   -5.340  4.787  1.00 3.95 ? 109 LYS A CG   1 
ATOM   160 H H    . LYS A 1 9  ? 7.689   -4.039  1.025  1.00 3.95 ? 109 LYS A H    1 
ATOM   161 H HA   . LYS A 1 9  ? 7.533   -6.400  2.226  1.00 3.95 ? 109 LYS A HA   1 
ATOM   162 H HB2  . LYS A 1 9  ? 8.731   -4.688  3.215  1.00 3.95 ? 109 LYS A HB2  1 
ATOM   163 H HB3  . LYS A 1 9  ? 7.423   -3.866  3.442  1.00 3.95 ? 109 LYS A HB3  1 
ATOM   164 N N    . CYS A 1 10 ? 4.842   -4.691  2.229  1.00 3.95 ? 110 CYS A N    1 
ATOM   165 C CA   . CYS A 1 10 ? 3.414   -4.753  2.408  1.00 3.95 ? 110 CYS A CA   1 
ATOM   166 C C    . CYS A 1 10 ? 2.740   -5.752  1.493  1.00 3.95 ? 110 CYS A C    1 
ATOM   167 O O    . CYS A 1 10 ? 1.816   -6.460  1.910  1.00 3.95 ? 110 CYS A O    1 
ATOM   168 C CB   . CYS A 1 10 ? 2.861   -3.332  2.186  1.00 3.95 ? 110 CYS A CB   1 
ATOM   169 S SG   . CYS A 1 10 ? 1.055   -3.322  2.186  1.00 3.95 ? 110 CYS A SG   1 
ATOM   170 H H    . CYS A 1 10 ? 5.194   -3.972  1.918  1.00 3.95 ? 110 CYS A H    1 
ATOM   171 H HA   . CYS A 1 10 ? 3.231   -5.013  3.334  1.00 3.95 ? 110 CYS A HA   1 
ATOM   172 H HB2  . CYS A 1 10 ? 3.187   -2.748  2.889  1.00 3.95 ? 110 CYS A HB2  1 
ATOM   173 H HB3  . CYS A 1 10 ? 3.185   -2.989  1.337  1.00 3.95 ? 110 CYS A HB3  1 
ATOM   174 N N    . LEU A 1 11 ? 3.149   -5.795  0.218  1.00 3.95 ? 111 LEU A N    1 
ATOM   175 C CA   . LEU A 1 11 ? 2.557   -6.717  -0.733 1.00 3.95 ? 111 LEU A CA   1 
ATOM   176 C C    . LEU A 1 11 ? 2.906   -8.158  -0.428 1.00 3.95 ? 111 LEU A C    1 
ATOM   177 O O    . LEU A 1 11 ? 2.062   -9.052  -0.586 1.00 3.95 ? 111 LEU A O    1 
ATOM   178 C CB   . LEU A 1 11 ? 3.003   -6.383  -2.157 1.00 3.95 ? 111 LEU A CB   1 
ATOM   179 C CG   . LEU A 1 11 ? 2.389   -5.083  -2.728 1.00 3.95 ? 111 LEU A CG   1 
ATOM   180 C CD1  . LEU A 1 11 ? 2.993   -4.810  -4.080 1.00 3.95 ? 111 LEU A CD1  1 
ATOM   181 C CD2  . LEU A 1 11 ? 0.890   -5.201  -2.791 1.00 3.95 ? 111 LEU A CD2  1 
ATOM   182 H H    . LEU A 1 11 ? 3.775   -5.266  -0.041 1.00 3.95 ? 111 LEU A H    1 
ATOM   183 H HA   . LEU A 1 11 ? 1.582   -6.622  -0.687 1.00 3.95 ? 111 LEU A HA   1 
ATOM   184 H HB2  . LEU A 1 11 ? 3.969   -6.301  -2.168 1.00 3.95 ? 111 LEU A HB2  1 
ATOM   185 H HB3  . LEU A 1 11 ? 2.765   -7.121  -2.738 1.00 3.95 ? 111 LEU A HB3  1 
ATOM   186 H HG   . LEU A 1 11 ? 2.618   -4.342  -2.129 1.00 3.95 ? 111 LEU A HG   1 
ATOM   187 H HD11 . LEU A 1 11 ? 3.944   -4.928  -4.036 1.00 3.95 ? 111 LEU A HD11 1 
ATOM   188 H HD12 . LEU A 1 11 ? 2.795   -3.908  -4.343 1.00 3.95 ? 111 LEU A HD12 1 
ATOM   189 H HD13 . LEU A 1 11 ? 2.625   -5.420  -4.725 1.00 3.95 ? 111 LEU A HD13 1 
ATOM   190 H HD21 . LEU A 1 11 ? 0.652   -5.991  -3.282 1.00 3.95 ? 111 LEU A HD21 1 
ATOM   191 H HD22 . LEU A 1 11 ? 0.527   -4.429  -3.231 1.00 3.95 ? 111 LEU A HD22 1 
ATOM   192 H HD23 . LEU A 1 11 ? 0.536   -5.259  -1.901 1.00 3.95 ? 111 LEU A HD23 1 
ATOM   193 N N    . LEU A 1 12 ? 4.162   -8.410  -0.072 1.00 3.95 ? 112 LEU A N    1 
ATOM   194 C CA   . LEU A 1 12 ? 4.639   -9.768  0.141  1.00 3.95 ? 112 LEU A CA   1 
ATOM   195 C C    . LEU A 1 12 ? 4.227   -10.268 1.564  1.00 3.95 ? 112 LEU A C    1 
ATOM   196 O O    . LEU A 1 12 ? 4.307   -9.499  2.558  1.00 3.95 ? 112 LEU A O    1 
ATOM   197 C CB   . LEU A 1 12 ? 6.151   -9.852  -0.057 1.00 3.95 ? 112 LEU A CB   1 
ATOM   198 C CG   . LEU A 1 12 ? 6.649   -9.588  -1.450 1.00 3.95 ? 112 LEU A CG   1 
ATOM   199 C CD1  . LEU A 1 12 ? 8.160   -9.380  -1.462 1.00 3.95 ? 112 LEU A CD1  1 
ATOM   200 C CD2  . LEU A 1 12 ? 6.300   -10.700 -2.420 1.00 3.95 ? 112 LEU A CD2  1 
ATOM   201 H H    . LEU A 1 12 ? 4.708   -7.753  0.035  1.00 3.95 ? 112 LEU A H    1 
ATOM   202 H HA   . LEU A 1 12 ? 4.211   -10.349 -0.522 1.00 3.95 ? 112 LEU A HA   1 
ATOM   203 H HB2  . LEU A 1 12 ? 6.572   -9.218  0.542  1.00 3.95 ? 112 LEU A HB2  1 
ATOM   204 H HB3  . LEU A 1 12 ? 6.442   -10.739 0.207  1.00 3.95 ? 112 LEU A HB3  1 
ATOM   205 H HG   . LEU A 1 12 ? 6.228   -8.763  -1.771 1.00 3.95 ? 112 LEU A HG   1 
ATOM   206 H HD11 . LEU A 1 12 ? 8.355   -8.451  -1.320 1.00 3.95 ? 112 LEU A HD11 1 
ATOM   207 H HD12 . LEU A 1 12 ? 8.513   -9.656  -2.311 1.00 3.95 ? 112 LEU A HD12 1 
ATOM   208 H HD13 . LEU A 1 12 ? 8.560   -9.902  -0.763 1.00 3.95 ? 112 LEU A HD13 1 
ATOM   209 H HD21 . LEU A 1 12 ? 6.879   -11.451 -2.269 1.00 3.95 ? 112 LEU A HD21 1 
ATOM   210 H HD22 . LEU A 1 12 ? 6.413   -10.386 -3.320 1.00 3.95 ? 112 LEU A HD22 1 
ATOM   211 H HD23 . LEU A 1 12 ? 5.388   -10.967 -2.287 1.00 3.95 ? 112 LEU A HD23 1 
HETATM 212 N N    . NH2 A 1 13 ? 3.902   -11.499 1.603  1.00 3.95 ? 113 NH2 A N    1 
HETATM 213 H HN1  . NH2 A 1 13 ? 3.714   -11.870 2.356  1.00 3.95 ? 113 NH2 A HN1  1 
HETATM 214 H HN2  . NH2 A 1 13 ? 3.870   -11.957 0.877  1.00 3.95 ? 113 NH2 A HN2  1 
HETATM 215 C CAA  . O65 B 1 1  ? -0.799  1.785   -0.958 1.00 3.95 ? 101 O65 B CAA  1 
HETATM 216 C CAB  . O65 B 1 1  ? -1.634  0.788   -0.180 1.00 3.95 ? 101 O65 B CAB  1 
HETATM 217 C CAC  . O65 B 1 1  ? -1.738  0.859   1.178  1.00 3.95 ? 101 O65 B CAC  1 
HETATM 218 C CAD  . O65 B 1 1  ? -2.523  -0.074  1.881  1.00 3.95 ? 101 O65 B CAD  1 
HETATM 219 C CAE  . O65 B 1 1  ? -3.071  -1.165  1.232  1.00 3.95 ? 101 O65 B CAE  1 
HETATM 220 C CAF  . O65 B 1 1  ? -2.914  -1.266  -0.111 1.00 3.95 ? 101 O65 B CAF  1 
HETATM 221 C CAG  . O65 B 1 1  ? -2.269  -0.272  -0.866 1.00 3.95 ? 101 O65 B CAG  1 
HETATM 222 C CAH  . O65 B 1 1  ? -2.378  -0.443  -2.380 1.00 3.95 ? 101 O65 B CAH  1 
HETATM 223 C CAJ  . O65 B 1 1  ? -3.801  -2.233  2.023  1.00 3.95 ? 101 O65 B CAJ  1 
HETATM 224 C CAM  . O65 B 1 1  ? -0.991  1.844   2.043  1.00 3.95 ? 101 O65 B CAM  1 
HETATM 225 O OAK  . O65 B 1 1  ? -4.610  -1.969  2.877  1.00 3.95 ? 101 O65 B OAK  1 
HETATM 226 H H1   . O65 B 1 1  ? -1.324  2.569   -1.139 1.00 3.95 ? 101 O65 B H1   1 
HETATM 227 H H2   . O65 B 1 1  ? -0.519  1.390   -1.787 1.00 3.95 ? 101 O65 B H2   1 
HETATM 228 H H3   . O65 B 1 1  ? -0.027  2.028   -0.444 1.00 3.95 ? 101 O65 B H3   1 
HETATM 229 H H4   . O65 B 1 1  ? -2.674  0.044   2.790  1.00 3.95 ? 101 O65 B H4   1 
HETATM 230 H H5   . O65 B 1 1  ? -3.244  -2.017  -0.546 1.00 3.95 ? 101 O65 B H5   1 
HETATM 231 H H6   . O65 B 1 1  ? -2.479  -1.386  -2.585 1.00 3.95 ? 101 O65 B H6   1 
HETATM 232 H H7   . O65 B 1 1  ? -1.555  -0.136  -2.792 1.00 3.95 ? 101 O65 B H7   1 
HETATM 233 H H9   . O65 B 1 1  ? -1.249  1.677   2.963  1.00 3.95 ? 101 O65 B H9   1 
HETATM 234 H H10  . O65 B 1 1  ? -0.047  1.634   1.973  1.00 3.95 ? 101 O65 B H10  1 
ATOM   235 N N    . LYS B 1 2  ? -3.540  -3.507  1.534  1.00 3.95 ? 102 LYS B N    1 
ATOM   236 C CA   . LYS B 1 2  ? -4.135  -4.749  2.046  1.00 3.95 ? 102 LYS B CA   1 
ATOM   237 C C    . LYS B 1 2  ? -5.539  -4.960  1.535  1.00 3.95 ? 102 LYS B C    1 
ATOM   238 O O    . LYS B 1 2  ? -5.829  -6.077  1.059  1.00 3.95 ? 102 LYS B O    1 
ATOM   239 C CB   . LYS B 1 2  ? -4.094  -4.846  3.567  1.00 3.95 ? 102 LYS B CB   1 
ATOM   240 C CG   . LYS B 1 2  ? -2.678  -4.882  4.088  1.00 3.95 ? 102 LYS B CG   1 
ATOM   241 C CD   . LYS B 1 2  ? -2.560  -4.400  5.512  1.00 3.95 ? 102 LYS B CD   1 
ATOM   242 C CE   . LYS B 1 2  ? -2.693  -2.858  5.590  1.00 3.95 ? 102 LYS B CE   1 
ATOM   243 N NZ   . LYS B 1 2  ? -2.548  -2.392  7.005  1.00 3.95 ? 102 LYS B NZ   1 
ATOM   244 H H    . LYS B 1 2  ? -2.986  -3.574  0.880  1.00 3.95 ? 102 LYS B H    1 
ATOM   245 H HA   . LYS B 1 2  ? -3.592  -5.488  1.700  1.00 3.95 ? 102 LYS B HA   1 
ATOM   246 H HB2  . LYS B 1 2  ? -4.557  -4.083  3.948  1.00 3.95 ? 102 LYS B HB2  1 
ATOM   247 H HB3  . LYS B 1 2  ? -4.561  -5.649  3.849  1.00 3.95 ? 102 LYS B HB3  1 
ATOM   248 H HG2  . LYS B 1 2  ? -2.346  -5.792  4.034  1.00 3.95 ? 102 LYS B HG2  1 
ATOM   249 H HG3  . LYS B 1 2  ? -2.119  -4.330  3.521  1.00 3.95 ? 102 LYS B HG3  1 
ATOM   250 H HD2  . LYS B 1 2  ? -3.253  -4.812  6.050  1.00 3.95 ? 102 LYS B HD2  1 
ATOM   251 H HD3  . LYS B 1 2  ? -1.700  -4.669  5.872  1.00 3.95 ? 102 LYS B HD3  1 
ATOM   252 H HE2  . LYS B 1 2  ? -2.009  -2.444  5.041  1.00 3.95 ? 102 LYS B HE2  1 
ATOM   253 H HE3  . LYS B 1 2  ? -3.559  -2.589  5.247  1.00 3.95 ? 102 LYS B HE3  1 
ATOM   254 H HZ1  . LYS B 1 2  ? -2.542  -1.503  7.025  1.00 3.95 ? 102 LYS B HZ1  1 
ATOM   255 H HZ2  . LYS B 1 2  ? -1.784  -2.702  7.342  1.00 3.95 ? 102 LYS B HZ2  1 
ATOM   256 H HZ3  . LYS B 1 2  ? -3.231  -2.696  7.489  1.00 3.95 ? 102 LYS B HZ3  1 
ATOM   257 N N    . LYS B 1 3  ? -6.374  -3.994  1.611  1.00 3.95 ? 103 LYS B N    1 
ATOM   258 C CA   . LYS B 1 3  ? -7.734  -4.055  1.119  1.00 3.95 ? 103 LYS B CA   1 
ATOM   259 C C    . LYS B 1 3  ? -7.953  -2.929  0.103  1.00 3.95 ? 103 LYS B C    1 
ATOM   260 O O    . LYS B 1 3  ? -7.219  -1.930  0.138  1.00 3.95 ? 103 LYS B O    1 
ATOM   261 C CB   . LYS B 1 3  ? -8.743  -3.979  2.229  1.00 3.95 ? 103 LYS B CB   1 
ATOM   262 C CG   . LYS B 1 3  ? -8.514  -4.992  3.344  1.00 3.95 ? 103 LYS B CG   1 
ATOM   263 C CD   . LYS B 1 3  ? -9.608  -4.909  4.424  1.00 3.95 ? 103 LYS B CD   1 
ATOM   264 C CE   . LYS B 1 3  ? -9.391  -6.004  5.477  1.00 3.95 ? 103 LYS B CE   1 
ATOM   265 N NZ   . LYS B 1 3  ? -10.364 -5.815  6.563  1.00 3.95 ? 103 LYS B NZ   1 
ATOM   266 H H    . LYS B 1 3  ? -6.111  -3.262  1.978  1.00 3.95 ? 103 LYS B H    1 
ATOM   267 H HA   . LYS B 1 3  ? -7.853  -4.911  0.657  1.00 3.95 ? 103 LYS B HA   1 
ATOM   268 H HB2  . LYS B 1 3  ? -8.722  -3.087  2.609  1.00 3.95 ? 103 LYS B HB2  1 
ATOM   269 H HB3  . LYS B 1 3  ? -9.628  -4.120  1.857  1.00 3.95 ? 103 LYS B HB3  1 
ATOM   270 H HG2  . LYS B 1 3  ? -8.503  -5.886  2.968  1.00 3.95 ? 103 LYS B HG2  1 
ATOM   271 H HG3  . LYS B 1 3  ? -7.650  -4.828  3.752  1.00 3.95 ? 103 LYS B HG3  1 
ATOM   272 H HD2  . LYS B 1 3  ? -9.582  -4.038  4.849  1.00 3.95 ? 103 LYS B HD2  1 
ATOM   273 H HD3  . LYS B 1 3  ? -10.479 -5.020  4.014  1.00 3.95 ? 103 LYS B HD3  1 
ATOM   274 H HE2  . LYS B 1 3  ? -9.510  -6.879  5.075  1.00 3.95 ? 103 LYS B HE2  1 
ATOM   275 H HE3  . LYS B 1 3  ? -8.488  -5.950  5.830  1.00 3.95 ? 103 LYS B HE3  1 
ATOM   276 H HZ1  . LYS B 1 3  ? -11.189 -5.841  6.229  1.00 3.95 ? 103 LYS B HZ1  1 
ATOM   277 H HZ2  . LYS B 1 3  ? -10.226 -5.027  6.951  1.00 3.95 ? 103 LYS B HZ2  1 
ATOM   278 H HZ3  . LYS B 1 3  ? -10.267 -6.463  7.165  1.00 3.95 ? 103 LYS B HZ3  1 
ATOM   279 N N    . LEU B 1 4  ? -8.866  -3.082  -0.825 1.00 3.95 ? 104 LEU B N    1 
ATOM   280 C CA   . LEU B 1 4  ? -8.889  -2.166  -1.942 1.00 3.95 ? 104 LEU B CA   1 
ATOM   281 C C    . LEU B 1 4  ? -9.230  -0.730  -1.537 1.00 3.95 ? 104 LEU B C    1 
ATOM   282 O O    . LEU B 1 4  ? -8.558  0.206   -1.990 1.00 3.95 ? 104 LEU B O    1 
ATOM   283 C CB   . LEU B 1 4  ? -9.877  -2.690  -3.004 1.00 3.95 ? 104 LEU B CB   1 
ATOM   284 C CG   . LEU B 1 4  ? -9.956  -1.868  -4.274 1.00 3.95 ? 104 LEU B CG   1 
ATOM   285 C CD1  . LEU B 1 4  ? -8.613  -1.659  -4.932 1.00 3.95 ? 104 LEU B CD1  1 
ATOM   286 C CD2  . LEU B 1 4  ? -10.876 -2.554  -5.259 1.00 3.95 ? 104 LEU B CD2  1 
ATOM   287 H H    . LEU B 1 4  ? -9.442  -3.718  -0.770 1.00 3.95 ? 104 LEU B H    1 
ATOM   288 H HA   . LEU B 1 4  ? -7.994  -2.160  -2.343 1.00 3.95 ? 104 LEU B HA   1 
ATOM   289 H HB2  . LEU B 1 4  ? -9.624  -3.596  -3.240 1.00 3.95 ? 104 LEU B HB2  1 
ATOM   290 H HB3  . LEU B 1 4  ? -10.762 -2.729  -2.608 1.00 3.95 ? 104 LEU B HB3  1 
ATOM   291 H HG   . LEU B 1 4  ? -10.334 -0.991  -4.055 1.00 3.95 ? 104 LEU B HG   1 
ATOM   292 H HD11 . LEU B 1 4  ? -8.094  -1.044  -4.410 1.00 3.95 ? 104 LEU B HD11 1 
ATOM   293 H HD12 . LEU B 1 4  ? -8.741  -1.303  -5.815 1.00 3.95 ? 104 LEU B HD12 1 
ATOM   294 H HD13 . LEU B 1 4  ? -8.151  -2.499  -4.989 1.00 3.95 ? 104 LEU B HD13 1 
ATOM   295 H HD21 . LEU B 1 4  ? -10.522 -3.417  -5.481 1.00 3.95 ? 104 LEU B HD21 1 
ATOM   296 H HD22 . LEU B 1 4  ? -10.945 -2.022  -6.056 1.00 3.95 ? 104 LEU B HD22 1 
ATOM   297 H HD23 . LEU B 1 4  ? -11.747 -2.656  -4.867 1.00 3.95 ? 104 LEU B HD23 1 
ATOM   298 N N    . LEU B 1 5  ? -10.237 -0.506  -0.726 1.00 3.95 ? 105 LEU B N    1 
ATOM   299 C CA   . LEU B 1 5  ? -10.615 0.858   -0.397 1.00 3.95 ? 105 LEU B CA   1 
ATOM   300 C C    . LEU B 1 5  ? -9.496  1.466   0.473  1.00 3.95 ? 105 LEU B C    1 
ATOM   301 O O    . LEU B 1 5  ? -9.150  2.658   0.337  1.00 3.95 ? 105 LEU B O    1 
ATOM   302 C CB   . LEU B 1 5  ? -11.990 1.017   0.256  1.00 3.95 ? 105 LEU B CB   1 
ATOM   303 C CG   . LEU B 1 5  ? -13.167 0.494   -0.588 1.00 3.95 ? 105 LEU B CG   1 
ATOM   304 C CD1  . LEU B 1 5  ? -14.425 0.669   0.247  1.00 3.95 ? 105 LEU B CD1  1 
ATOM   305 C CD2  . LEU B 1 5  ? -13.230 1.121   -1.945 1.00 3.95 ? 105 LEU B CD2  1 
ATOM   306 H H    . LEU B 1 5  ? -10.674 -1.166  -0.390 1.00 3.95 ? 105 LEU B H    1 
ATOM   307 H HA   . LEU B 1 5  ? -10.634 1.363   -1.237 1.00 3.95 ? 105 LEU B HA   1 
ATOM   308 H HB2  . LEU B 1 5  ? -11.985 0.548   1.105  1.00 3.95 ? 105 LEU B HB2  1 
ATOM   309 H HB3  . LEU B 1 5  ? -12.137 1.957   0.443  1.00 3.95 ? 105 LEU B HB3  1 
ATOM   310 H HG   . LEU B 1 5  ? -13.032 -0.468  -0.715 1.00 3.95 ? 105 LEU B HG   1 
ATOM   311 H HD11 . LEU B 1 5  ? -14.217 0.531   1.174  1.00 3.95 ? 105 LEU B HD11 1 
ATOM   312 H HD12 . LEU B 1 5  ? -15.086 0.031   -0.031 1.00 3.95 ? 105 LEU B HD12 1 
ATOM   313 H HD13 . LEU B 1 5  ? -14.768 1.558   0.126  1.00 3.95 ? 105 LEU B HD13 1 
ATOM   314 H HD21 . LEU B 1 5  ? -13.215 2.077   -1.856 1.00 3.95 ? 105 LEU B HD21 1 
ATOM   315 H HD22 . LEU B 1 5  ? -14.040 0.853   -2.383 1.00 3.95 ? 105 LEU B HD22 1 
ATOM   316 H HD23 . LEU B 1 5  ? -12.475 0.836   -2.464 1.00 3.95 ? 105 LEU B HD23 1 
ATOM   317 N N    . LYS B 1 6  ? -8.876  0.665   1.334  1.00 3.95 ? 106 LYS B N    1 
ATOM   318 C CA   . LYS B 1 6  ? -7.731  1.119   2.094  1.00 3.95 ? 106 LYS B CA   1 
ATOM   319 C C    . LYS B 1 6  ? -6.598  1.531   1.148  1.00 3.95 ? 106 LYS B C    1 
ATOM   320 O O    . LYS B 1 6  ? -5.904  2.517   1.425  1.00 3.95 ? 106 LYS B O    1 
ATOM   321 C CB   . LYS B 1 6  ? -7.189  0.040   3.046  1.00 3.95 ? 106 LYS B CB   1 
ATOM   322 C CG   . LYS B 1 6  ? -8.053  -0.254  4.237  1.00 3.95 ? 106 LYS B CG   1 
ATOM   323 C CD   . LYS B 1 6  ? -7.484  -1.347  5.096  1.00 3.95 ? 106 LYS B CD   1 
ATOM   324 C CE   . LYS B 1 6  ? -6.169  -1.056  5.717  1.00 3.95 ? 106 LYS B CE   1 
ATOM   325 N NZ   . LYS B 1 6  ? -6.266  -0.006  6.768  1.00 3.95 ? 106 LYS B NZ   1 
ATOM   326 H H    . LYS B 1 6  ? -9.161  -0.139  1.441  1.00 3.95 ? 106 LYS B H    1 
ATOM   327 H HA   . LYS B 1 6  ? -7.996  1.900   2.624  1.00 3.95 ? 106 LYS B HA   1 
ATOM   328 H HB2  . LYS B 1 6  ? -7.070  -0.780  2.543  1.00 3.95 ? 106 LYS B HB2  1 
ATOM   329 H HB3  . LYS B 1 6  ? -6.315  0.319   3.361  1.00 3.95 ? 106 LYS B HB3  1 
ATOM   330 H HG2  . LYS B 1 6  ? -8.147  0.552   4.768  1.00 3.95 ? 106 LYS B HG2  1 
ATOM   331 H HG3  . LYS B 1 6  ? -8.937  -0.516  3.933  1.00 3.95 ? 106 LYS B HG3  1 
ATOM   332 H HD2  . LYS B 1 6  ? -8.118  -1.542  5.803  1.00 3.95 ? 106 LYS B HD2  1 
ATOM   333 H HD3  . LYS B 1 6  ? -7.396  -2.146  4.554  1.00 3.95 ? 106 LYS B HD3  1 
ATOM   334 H HE2  . LYS B 1 6  ? -5.815  -1.868  6.108  1.00 3.95 ? 106 LYS B HE2  1 
ATOM   335 H HE3  . LYS B 1 6  ? -5.550  -0.762  5.030  1.00 3.95 ? 106 LYS B HE3  1 
ATOM   336 H HZ1  . LYS B 1 6  ? -5.709  0.660   6.575  1.00 3.95 ? 106 LYS B HZ1  1 
ATOM   337 H HZ2  . LYS B 1 6  ? -6.049  -0.356  7.557  1.00 3.95 ? 106 LYS B HZ2  1 
ATOM   338 H HZ3  . LYS B 1 6  ? -7.100  0.304   6.800  1.00 3.95 ? 106 LYS B HZ3  1 
ATOM   339 N N    . CYS B 1 7  ? -6.381  0.795   0.075  1.00 3.95 ? 107 CYS B N    1 
ATOM   340 C CA   . CYS B 1 7  ? -5.315  1.173   -0.866 1.00 3.95 ? 107 CYS B CA   1 
ATOM   341 C C    . CYS B 1 7  ? -5.604  2.544   -1.459 1.00 3.95 ? 107 CYS B C    1 
ATOM   342 O O    . CYS B 1 7  ? -4.712  3.386   -1.540 1.00 3.95 ? 107 CYS B O    1 
ATOM   343 C CB   . CYS B 1 7  ? -5.188  0.141   -1.962 1.00 3.95 ? 107 CYS B CB   1 
ATOM   344 S SG   . CYS B 1 7  ? -3.782  0.476   -3.099 1.00 3.95 ? 107 CYS B SG   1 
ATOM   345 H H    . CYS B 1 7  ? -6.862  0.098   -0.074 1.00 3.95 ? 107 CYS B H    1 
ATOM   346 H HA   . CYS B 1 7  ? -4.467  1.216   -0.378 1.00 3.95 ? 107 CYS B HA   1 
ATOM   347 H HB2  . CYS B 1 7  ? -5.068  -0.734  -1.559 1.00 3.95 ? 107 CYS B HB2  1 
ATOM   348 H HB3  . CYS B 1 7  ? -6.011  0.120   -2.474 1.00 3.95 ? 107 CYS B HB3  1 
ATOM   349 N N    . LEU B 1 8  ? -6.842  2.775   -1.905 1.00 3.95 ? 108 LEU B N    1 
ATOM   350 C CA   . LEU B 1 8  ? -7.183  4.074   -2.469 1.00 3.95 ? 108 LEU B CA   1 
ATOM   351 C C    . LEU B 1 8  ? -6.880  5.181   -1.491 1.00 3.95 ? 108 LEU B C    1 
ATOM   352 O O    . LEU B 1 8  ? -6.297  6.206   -1.826 1.00 3.95 ? 108 LEU B O    1 
ATOM   353 C CB   . LEU B 1 8  ? -8.649  4.113   -2.893 1.00 3.95 ? 108 LEU B CB   1 
ATOM   354 C CG   . LEU B 1 8  ? -8.979  3.310   -4.154 1.00 3.95 ? 108 LEU B CG   1 
ATOM   355 C CD1  . LEU B 1 8  ? -10.504 3.206   -4.234 1.00 3.95 ? 108 LEU B CD1  1 
ATOM   356 C CD2  . LEU B 1 8  ? -8.424  3.874   -5.427 1.00 3.95 ? 108 LEU B CD2  1 
ATOM   357 H H    . LEU B 1 8  ? -7.437  2.156   -1.858 1.00 3.95 ? 108 LEU B H    1 
ATOM   358 H HA   . LEU B 1 8  ? -6.632  4.213   -3.267 1.00 3.95 ? 108 LEU B HA   1 
ATOM   359 H HB2  . LEU B 1 8  ? -9.190  3.774   -2.162 1.00 3.95 ? 108 LEU B HB2  1 
ATOM   360 H HB3  . LEU B 1 8  ? -8.904  5.037   -3.039 1.00 3.95 ? 108 LEU B HB3  1 
ATOM   361 H HG   . LEU B 1 8  ? -8.618  2.406   -4.041 1.00 3.95 ? 108 LEU B HG   1 
ATOM   362 H HD11 . LEU B 1 8  ? -10.809 2.516   -3.642 1.00 3.95 ? 108 LEU B HD11 1 
ATOM   363 H HD12 . LEU B 1 8  ? -10.764 2.995   -5.134 1.00 3.95 ? 108 LEU B HD12 1 
ATOM   364 H HD13 . LEU B 1 8  ? -10.896 4.045   -3.976 1.00 3.95 ? 108 LEU B HD13 1 
ATOM   365 H HD21 . LEU B 1 8  ? -8.995  4.581   -5.739 1.00 3.95 ? 108 LEU B HD21 1 
ATOM   366 H HD22 . LEU B 1 8  ? -8.380  3.182   -6.091 1.00 3.95 ? 108 LEU B HD22 1 
ATOM   367 H HD23 . LEU B 1 8  ? -7.544  4.222   -5.267 1.00 3.95 ? 108 LEU B HD23 1 
ATOM   368 N N    . LYS B 1 9  ? -7.320  5.004   -0.230 1.00 3.95 ? 109 LYS B N    1 
ATOM   369 C CA   . LYS B 1 9  ? -7.122  6.003   0.785  1.00 3.95 ? 109 LYS B CA   1 
ATOM   370 C C    . LYS B 1 9  ? -5.618  6.215   1.045  1.00 3.95 ? 109 LYS B C    1 
ATOM   371 O O    . LYS B 1 9  ? -5.142  7.343   1.256  1.00 3.95 ? 109 LYS B O    1 
ATOM   372 C CB   . LYS B 1 9  ? -7.833  5.613   2.063  1.00 3.95 ? 109 LYS B CB   1 
ATOM   373 C CG   . LYS B 1 9  ? -7.701  6.547   3.125  1.00 3.95 ? 109 LYS B CG   1 
ATOM   374 H H    . LYS B 1 9  ? -7.727  4.274   -0.027 1.00 3.95 ? 109 LYS B H    1 
ATOM   375 H HA   . LYS B 1 9  ? -7.504  6.848   0.465  1.00 3.95 ? 109 LYS B HA   1 
ATOM   376 H HB2  . LYS B 1 9  ? -8.775  5.496   1.870  1.00 3.95 ? 109 LYS B HB2  1 
ATOM   377 H HB3  . LYS B 1 9  ? -7.486  4.756   2.360  1.00 3.95 ? 109 LYS B HB3  1 
ATOM   378 N N    . CYS B 1 10 ? -4.850  5.121   1.048  1.00 3.95 ? 110 CYS B N    1 
ATOM   379 C CA   . CYS B 1 10 ? -3.425  5.155   1.315  1.00 3.95 ? 110 CYS B CA   1 
ATOM   380 C C    . CYS B 1 10 ? -2.667  5.847   0.200  1.00 3.95 ? 110 CYS B C    1 
ATOM   381 O O    . CYS B 1 10 ? -1.667  6.551   0.474  1.00 3.95 ? 110 CYS B O    1 
ATOM   382 C CB   . CYS B 1 10 ? -2.934  3.716   1.547  1.00 3.95 ? 110 CYS B CB   1 
ATOM   383 S SG   . CYS B 1 10 ? -1.176  3.646   1.738  1.00 3.95 ? 110 CYS B SG   1 
ATOM   384 H H    . CYS B 1 10 ? -5.219  4.361   0.885  1.00 3.95 ? 110 CYS B H    1 
ATOM   385 H HA   . CYS B 1 10 ? -3.281  5.662   2.141  1.00 3.95 ? 110 CYS B HA   1 
ATOM   386 H HB2  . CYS B 1 10 ? -3.357  3.358   2.343  1.00 3.95 ? 110 CYS B HB2  1 
ATOM   387 H HB3  . CYS B 1 10 ? -3.197  3.163   0.795  1.00 3.95 ? 110 CYS B HB3  1 
ATOM   388 N N    . LEU B 1 11 ? -3.048  5.607   -1.058 1.00 3.95 ? 111 LEU B N    1 
ATOM   389 C CA   . LEU B 1 11 ? -2.392  6.244   -2.182 1.00 3.95 ? 111 LEU B CA   1 
ATOM   390 C C    . LEU B 1 11 ? -2.698  7.722   -2.282 1.00 3.95 ? 111 LEU B C    1 
ATOM   391 O O    . LEU B 1 11 ? -1.831  8.542   -2.626 1.00 3.95 ? 111 LEU B O    1 
ATOM   392 C CB   . LEU B 1 11 ? -2.816  5.583   -3.497 1.00 3.95 ? 111 LEU B CB   1 
ATOM   393 C CG   . LEU B 1 11 ? -2.336  4.154   -3.721 1.00 3.95 ? 111 LEU B CG   1 
ATOM   394 C CD1  . LEU B 1 11 ? -3.060  3.582   -4.918 1.00 3.95 ? 111 LEU B CD1  1 
ATOM   395 C CD2  . LEU B 1 11 ? -0.833  4.096   -3.879 1.00 3.95 ? 111 LEU B CD2  1 
ATOM   396 H H    . LEU B 1 11 ? -3.699  5.064   -1.203 1.00 3.95 ? 111 LEU B H    1 
ATOM   397 H HA   . LEU B 1 11 ? -1.423  6.134   -2.078 1.00 3.95 ? 111 LEU B HA   1 
ATOM   398 H HB2  . LEU B 1 11 ? -3.785  5.588   -3.540 1.00 3.95 ? 111 LEU B HB2  1 
ATOM   399 H HB3  . LEU B 1 11 ? -2.492  6.130   -4.230 1.00 3.95 ? 111 LEU B HB3  1 
ATOM   400 H HG   . LEU B 1 11 ? -2.580  3.623   -2.934 1.00 3.95 ? 111 LEU B HG   1 
ATOM   401 H HD11 . LEU B 1 11 ? -4.004  3.574   -4.747 1.00 3.95 ? 111 LEU B HD11 1 
ATOM   402 H HD12 . LEU B 1 11 ? -2.756  2.685   -5.077 1.00 3.95 ? 111 LEU B HD12 1 
ATOM   403 H HD13 . LEU B 1 11 ? -2.878  4.123   -5.690 1.00 3.95 ? 111 LEU B HD13 1 
ATOM   404 H HD21 . LEU B 1 11 ? -0.568  4.643   -4.622 1.00 3.95 ? 111 LEU B HD21 1 
ATOM   405 H HD22 . LEU B 1 11 ? -0.562  3.188   -4.038 1.00 3.95 ? 111 LEU B HD22 1 
ATOM   406 H HD23 . LEU B 1 11 ? -0.414  4.418   -3.078 1.00 3.95 ? 111 LEU B HD23 1 
ATOM   407 N N    . LEU B 1 12 ? -3.942  8.072   -2.060 1.00 3.95 ? 112 LEU B N    1 
ATOM   408 C CA   . LEU B 1 12 ? -4.406  9.448   -2.304 1.00 3.95 ? 112 LEU B CA   1 
ATOM   409 C C    . LEU B 1 12 ? -4.158  10.345  -1.102 1.00 3.95 ? 112 LEU B C    1 
ATOM   410 O O    . LEU B 1 12 ? -4.288  9.892   0.107  1.00 3.95 ? 112 LEU B O    1 
ATOM   411 C CB   . LEU B 1 12 ? -5.883  9.454   -2.670 1.00 3.95 ? 112 LEU B CB   1 
ATOM   412 C CG   . LEU B 1 12 ? -6.228  8.725   -3.951 1.00 3.95 ? 112 LEU B CG   1 
ATOM   413 C CD1  . LEU B 1 12 ? -7.760  8.576   -4.006 1.00 3.95 ? 112 LEU B CD1  1 
ATOM   414 C CD2  . LEU B 1 12 ? -5.655  9.415   -5.170 1.00 3.95 ? 112 LEU B CD2  1 
ATOM   415 H H    . LEU B 1 12 ? -4.498  7.485   -1.766 1.00 3.95 ? 112 LEU B H    1 
ATOM   416 H HA   . LEU B 1 12 ? -3.903  9.811   -3.063 1.00 3.95 ? 112 LEU B HA   1 
ATOM   417 H HB2  . LEU B 1 12 ? -6.382  9.052   -1.943 1.00 3.95 ? 112 LEU B HB2  1 
ATOM   418 H HB3  . LEU B 1 12 ? -6.175  10.375  -2.752 1.00 3.95 ? 112 LEU B HB3  1 
ATOM   419 H HG   . LEU B 1 12 ? -5.839  7.828   -3.901 1.00 3.95 ? 112 LEU B HG   1 
ATOM   420 H HD11 . LEU B 1 12 ? -8.064  8.106   -3.226 1.00 3.95 ? 112 LEU B HD11 1 
ATOM   421 H HD12 . LEU B 1 12 ? -8.004  8.083   -4.792 1.00 3.95 ? 112 LEU B HD12 1 
ATOM   422 H HD13 . LEU B 1 12 ? -8.165  9.445   -4.034 1.00 3.95 ? 112 LEU B HD13 1 
ATOM   423 H HD21 . LEU B 1 12 ? -5.966  10.323  -5.200 1.00 3.95 ? 112 LEU B HD21 1 
ATOM   424 H HD22 . LEU B 1 12 ? -5.937  8.953   -5.962 1.00 3.95 ? 112 LEU B HD22 1 
ATOM   425 H HD23 . LEU B 1 12 ? -4.695  9.409   -5.120 1.00 3.95 ? 112 LEU B HD23 1 
HETATM 426 N N    . NH2 B 1 13 ? -3.901  11.566  -1.345 1.00 3.95 ? 113 NH2 B N    1 
HETATM 427 H HN1  . NH2 B 1 13 ? -3.808  12.123  -0.695 1.00 3.95 ? 113 NH2 B HN1  1 
HETATM 428 H HN2  . NH2 B 1 13 ? -3.821  11.836  -2.157 1.00 3.95 ? 113 NH2 B HN2  1 
HETATM 429 C C1   . CIT C 2 .  ? 1.011   -3.363  6.940  1.00 3.95 ? 201 CIT A C1   1 
HETATM 430 O O1   . CIT C 2 .  ? 1.998   -4.100  7.079  1.00 3.95 ? 201 CIT A O1   1 
HETATM 431 O O2   . CIT C 2 .  ? -0.069  -3.483  7.593  1.00 3.95 ? 201 CIT A O2   1 
HETATM 432 C C2   . CIT C 2 .  ? 1.150   -2.195  5.951  1.00 3.95 ? 201 CIT A C2   1 
HETATM 433 C C3   . CIT C 2 .  ? 1.226   -0.839  6.677  1.00 3.95 ? 201 CIT A C3   1 
HETATM 434 O O7   . CIT C 2 .  ? -0.062  -0.381  7.114  1.00 3.95 ? 201 CIT A O7   1 
HETATM 435 C C4   . CIT C 2 .  ? 2.232   -0.834  7.800  1.00 3.95 ? 201 CIT A C4   1 
HETATM 436 C C5   . CIT C 2 .  ? 2.456   0.552   8.454  1.00 3.95 ? 201 CIT A C5   1 
HETATM 437 O O3   . CIT C 2 .  ? 2.181   1.592   7.809  1.00 3.95 ? 201 CIT A O3   1 
HETATM 438 O O4   . CIT C 2 .  ? 2.962   0.576   9.587  1.00 3.95 ? 201 CIT A O4   1 
HETATM 439 C C6   . CIT C 2 .  ? 1.562   0.203   5.548  1.00 3.95 ? 201 CIT A C6   1 
HETATM 440 O O5   . CIT C 2 .  ? 2.658   0.245   4.976  1.00 3.95 ? 201 CIT A O5   1 
HETATM 441 O O6   . CIT C 2 .  ? 0.582   0.973   5.321  1.00 3.95 ? 201 CIT A O6   1 
HETATM 442 H H21  . CIT C 2 .  ? 0.389   -2.193  5.349  1.00 3.95 ? 201 CIT A H21  1 
HETATM 443 H H22  . CIT C 2 .  ? 1.952   -2.318  5.419  1.00 3.95 ? 201 CIT A H22  1 
HETATM 444 H HO7  . CIT C 2 .  ? 0.029   0.285   7.584  1.00 3.95 ? 201 CIT A HO7  1 
HETATM 445 H H41  . CIT C 2 .  ? 3.081   -1.156  7.459  1.00 3.95 ? 201 CIT A H41  1 
HETATM 446 H H42  . CIT C 2 .  ? 1.937   -1.455  8.485  1.00 3.95 ? 201 CIT A H42  1 
HETATM 447 C C1   . CIT D 2 .  ? -1.685  4.811   6.258  1.00 3.95 ? 201 CIT B C1   1 
HETATM 448 O O1   . CIT D 2 .  ? -2.585  5.718   6.215  1.00 3.95 ? 201 CIT B O1   1 
HETATM 449 O O2   . CIT D 2 .  ? -0.634  4.931   6.848  1.00 3.95 ? 201 CIT B O2   1 
HETATM 450 C C2   . CIT D 2 .  ? -2.013  3.558   5.481  1.00 3.95 ? 201 CIT B C2   1 
HETATM 451 C C3   . CIT D 2 .  ? -2.202  2.294   6.405  1.00 3.95 ? 201 CIT B C3   1 
HETATM 452 O O7   . CIT D 2 .  ? -1.017  1.835   6.974  1.00 3.95 ? 201 CIT B O7   1 
HETATM 453 C C4   . CIT D 2 .  ? -3.294  2.621   7.514  1.00 3.95 ? 201 CIT B C4   1 
HETATM 454 C C5   . CIT D 2 .  ? -3.427  1.351   8.382  1.00 3.95 ? 201 CIT B C5   1 
HETATM 455 O O3   . CIT D 2 .  ? -3.616  0.271   7.874  1.00 3.95 ? 201 CIT B O3   1 
HETATM 456 O O4   . CIT D 2 .  ? -3.350  1.520   9.625  1.00 3.95 ? 201 CIT B O4   1 
HETATM 457 C C6   . CIT D 2 .  ? -2.654  1.167   5.463  1.00 3.95 ? 201 CIT B C6   1 
HETATM 458 O O5   . CIT D 2 .  ? -3.654  1.092   4.834  1.00 3.95 ? 201 CIT B O5   1 
HETATM 459 O O6   . CIT D 2 .  ? -1.715  0.254   5.422  1.00 3.95 ? 201 CIT B O6   1 
HETATM 460 H H21  . CIT D 2 .  ? -1.301  3.383   4.847  1.00 3.95 ? 201 CIT B H21  1 
HETATM 461 H H22  . CIT D 2 .  ? -2.829  3.703   4.976  1.00 3.95 ? 201 CIT B H22  1 
HETATM 462 H HO7  . CIT D 2 .  ? -0.379  2.131   6.555  1.00 3.95 ? 201 CIT B HO7  1 
HETATM 463 H H41  . CIT D 2 .  ? -3.010  3.374   8.055  1.00 3.95 ? 201 CIT B H41  1 
HETATM 464 H H42  . CIT D 2 .  ? -4.143  2.839   7.098  1.00 3.95 ? 201 CIT B H42  1 
HETATM 465 O O    . HOH E 3 .  ? 7.539   7.765   -1.097 1.00 3.95 ? 301 HOH A O    1 
HETATM 466 O O    . HOH E 3 .  ? 4.417   -4.083  5.763  1.00 3.95 ? 302 HOH A O    1 
HETATM 467 O O    . HOH E 3 .  ? 4.912   1.921   7.074  1.00 3.95 ? 303 HOH A O    1 
HETATM 468 O O    . HOH E 3 .  ? 4.960   -1.589  4.604  1.00 3.95 ? 304 HOH A O    1 
HETATM 469 O O    . HOH E 3 .  ? 6.104   6.217   5.091  1.00 3.95 ? 305 HOH A O    1 
HETATM 470 O O    . HOH E 3 .  ? 12.924  6.774   4.066  1.00 3.95 ? 306 HOH A O    1 
HETATM 471 O O    . HOH E 3 .  ? 2.371   -12.188 3.929  1.00 3.95 ? 307 HOH A O    1 
HETATM 472 O O    . HOH E 3 .  ? 7.627   7.975   6.521  1.00 3.95 ? 308 HOH A O    1 
HETATM 473 O O    . HOH F 3 .  ? -7.326  -8.303  0.845  1.00 3.95 ? 301 HOH B O    1 
HETATM 474 O O    . HOH F 3 .  ? -5.478  3.074   4.109  1.00 3.95 ? 302 HOH B O    1 
HETATM 475 O O    . HOH F 3 .  ? -4.792  -3.332  8.386  1.00 3.95 ? 303 HOH B O    1 
HETATM 476 O O    . HOH F 3 .  ? -2.057  -4.397  -0.726 1.00 3.95 ? 304 HOH B O    1 
HETATM 477 O O    . HOH F 3 .  ? -5.863  -5.754  7.511  1.00 3.95 ? 305 HOH B O    1 
# 
loop_
_atom_site_anisotrop.id 
_atom_site_anisotrop.type_symbol 
_atom_site_anisotrop.pdbx_label_atom_id 
_atom_site_anisotrop.pdbx_label_alt_id 
_atom_site_anisotrop.pdbx_label_comp_id 
_atom_site_anisotrop.pdbx_label_asym_id 
_atom_site_anisotrop.pdbx_label_seq_id 
_atom_site_anisotrop.pdbx_PDB_ins_code 
_atom_site_anisotrop.U[1][1] 
_atom_site_anisotrop.U[2][2] 
_atom_site_anisotrop.U[3][3] 
_atom_site_anisotrop.U[1][2] 
_atom_site_anisotrop.U[1][3] 
_atom_site_anisotrop.U[2][3] 
_atom_site_anisotrop.pdbx_auth_seq_id 
_atom_site_anisotrop.pdbx_auth_comp_id 
_atom_site_anisotrop.pdbx_auth_asym_id 
_atom_site_anisotrop.pdbx_auth_atom_id 
1   C CAA . O65 A 1  ? 0.0365 0.0357 0.0699 -0.0124 -0.0129 -0.0005 101 O65 A CAA 
2   C CAB . O65 A 1  ? 0.0340 0.0259 0.0542 -0.0010 -0.0098 -0.0054 101 O65 A CAB 
3   C CAC . O65 A 1  ? 0.0291 0.0201 0.0568 0.0002  0.0077  -0.0037 101 O65 A CAC 
4   C CAD . O65 A 1  ? 0.0218 0.0249 0.0478 -0.0008 0.0020  -0.0065 101 O65 A CAD 
5   C CAE . O65 A 1  ? 0.0278 0.0217 0.0481 -0.0063 -0.0031 -0.0035 101 O65 A CAE 
6   C CAF . O65 A 1  ? 0.0319 0.0317 0.0442 -0.0009 -0.0045 0.0038  101 O65 A CAF 
7   C CAG . O65 A 1  ? 0.0435 0.0232 0.0486 -0.0070 -0.0077 0.0012  101 O65 A CAG 
8   C CAH . O65 A 1  ? 0.0478 0.0289 0.0499 -0.0037 -0.0210 -0.0011 101 O65 A CAH 
9   C CAJ . O65 A 1  ? 0.0442 0.0263 0.0453 -0.0175 -0.0133 0.0015  101 O65 A CAJ 
10  C CAM . O65 A 1  ? 0.0466 0.0311 0.0809 -0.0109 0.0157  0.0034  101 O65 A CAM 
11  O OAK . O65 A 1  ? 0.0701 0.0182 0.0512 -0.0065 -0.0256 -0.0042 101 O65 A OAK 
21  N N   . LYS A 2  ? 0.0288 0.0276 0.0411 -0.0098 -0.0079 -0.0001 102 LYS A N   
22  C CA  . LYS A 2  ? 0.0324 0.0223 0.0517 -0.0051 0.0035  0.0050  102 LYS A CA  
23  C C   . LYS A 2  ? 0.0400 0.0263 0.0431 -0.0128 -0.0036 0.0089  102 LYS A C   
24  O O   . LYS A 2  ? 0.0407 0.0148 0.0736 -0.0075 0.0105  -0.0012 102 LYS A O   
25  C CB  . LYS A 2  ? 0.0502 0.0263 0.0505 -0.0114 0.0025  0.0015  102 LYS A CB  
26  C CG  . LYS A 2  ? 0.0463 0.0391 0.0518 -0.0023 0.0074  -0.0016 102 LYS A CG  
27  C CD  . LYS A 2  ? 0.0565 0.0476 0.0532 -0.0126 0.0022  -0.0028 102 LYS A CD  
28  C CE  . LYS A 2  ? 0.0610 0.0313 0.0528 -0.0177 0.0013  0.0012  102 LYS A CE  
29  N NZ  . LYS A 2  ? 0.0991 0.0450 0.0557 -0.0359 -0.0001 0.0035  102 LYS A NZ  
43  N N   . LYS A 3  ? 0.0315 0.0206 0.0482 -0.0055 0.0055  0.0054  103 LYS A N   
44  C CA  . LYS A 3  ? 0.0406 0.0227 0.0387 -0.0132 0.0013  0.0032  103 LYS A CA  
45  C C   . LYS A 3  ? 0.0278 0.0316 0.0332 -0.0061 -0.0052 0.0012  103 LYS A C   
46  O O   . LYS A 3  ? 0.0373 0.0166 0.0543 -0.0058 0.0072  0.0031  103 LYS A O   
47  C CB  . LYS A 3  ? 0.0387 0.0371 0.0459 -0.0218 -0.0093 0.0055  103 LYS A CB  
48  C CG  . LYS A 3  ? 0.0392 0.0296 0.0354 -0.0086 0.0025  0.0042  103 LYS A CG  
49  C CD  . LYS A 3  ? 0.0441 0.0308 0.0399 -0.0049 -0.0014 0.0047  103 LYS A CD  
50  C CE  . LYS A 3  ? 0.0540 0.0428 0.0340 -0.0108 0.0048  -0.0064 103 LYS A CE  
51  N NZ  . LYS A 3  ? 0.0574 0.0460 0.0428 -0.0077 -0.0025 0.0038  103 LYS A NZ  
65  N N   . LEU A 4  ? 0.0345 0.0220 0.0429 -0.0097 0.0041  -0.0022 104 LEU A N   
66  C CA  . LEU A 4  ? 0.0332 0.0196 0.0461 -0.0081 0.0013  -0.0010 104 LEU A CA  
67  C C   . LEU A 4  ? 0.0306 0.0228 0.0479 -0.0052 0.0017  -0.0090 104 LEU A C   
68  O O   . LEU A 4  ? 0.0298 0.0183 0.0542 -0.0051 0.0043  0.0037  104 LEU A O   
69  C CB  . LEU A 4  ? 0.0365 0.0351 0.0488 -0.0056 0.0023  -0.0002 104 LEU A CB  
70  C CG  . LEU A 4  ? 0.0505 0.0250 0.0651 -0.0092 -0.0080 0.0131  104 LEU A CG  
71  C CD1 . LEU A 4  ? 0.0741 0.1086 0.0613 -0.0220 0.0051  0.0327  104 LEU A CD1 
72  C CD2 . LEU A 4  ? 0.0860 0.0917 0.0703 -0.0366 -0.0270 0.0216  104 LEU A CD2 
84  N N   . LEU A 5  ? 0.0368 0.0241 0.0519 -0.0114 0.0023  0.0014  105 LEU A N   
85  C CA  . LEU A 5  ? 0.0372 0.0234 0.0556 0.0018  0.0000  -0.0019 105 LEU A CA  
86  C C   . LEU A 5  ? 0.0263 0.0245 0.0474 -0.0028 -0.0130 0.0020  105 LEU A C   
87  O O   . LEU A 5  ? 0.0516 0.0300 0.0649 -0.0122 0.0004  0.0129  105 LEU A O   
88  C CB  . LEU A 5  ? 0.0313 0.0560 0.0734 -0.0037 -0.0065 0.0127  105 LEU A CB  
89  C CG  . LEU A 5  ? 0.0393 0.1303 0.0828 0.0006  0.0056  -0.0071 105 LEU A CG  
90  C CD1 . LEU A 5  ? 0.0419 0.3400 0.1308 -0.0345 -0.0067 -0.0349 105 LEU A CD1 
91  C CD2 . LEU A 5  ? 0.0530 0.1656 0.1332 0.0008  0.0215  -0.0457 105 LEU A CD2 
103 N N   . LYS A 6  ? 0.0319 0.0228 0.0504 -0.0109 0.0011  -0.0009 106 LYS A N   
104 C CA  . LYS A 6  ? 0.0369 0.0276 0.0407 -0.0064 -0.0025 -0.0038 106 LYS A CA  
105 C C   . LYS A 6  ? 0.0344 0.0322 0.0331 -0.0133 0.0041  -0.0060 106 LYS A C   
106 O O   . LYS A 6  ? 0.0458 0.0327 0.0407 -0.0176 -0.0029 0.0076  106 LYS A O   
107 C CB  . LYS A 6  ? 0.0407 0.0306 0.0405 -0.0081 -0.0032 -0.0061 106 LYS A CB  
108 C CG  . LYS A 6  ? 0.0565 0.0513 0.0461 -0.0152 -0.0056 -0.0168 106 LYS A CG  
109 C CD  . LYS A 6  ? 0.0623 0.0490 0.0446 -0.0115 -0.0017 -0.0096 106 LYS A CD  
110 C CE  . LYS A 6  ? 0.0659 0.0539 0.0453 -0.0110 -0.0051 -0.0167 106 LYS A CE  
111 N NZ  . LYS A 6  ? 0.0653 0.0500 0.0381 -0.0085 -0.0092 -0.0044 106 LYS A NZ  
125 N N   . CYS A 7  ? 0.0394 0.0214 0.0450 -0.0149 -0.0081 0.0119  107 CYS A N   
126 C CA  . CYS A 7  ? 0.0254 0.0193 0.0441 -0.0033 -0.0069 0.0066  107 CYS A CA  
127 C C   . CYS A 7  ? 0.0368 0.0189 0.0322 -0.0005 0.0030  -0.0017 107 CYS A C   
128 O O   . CYS A 7  ? 0.0218 0.0191 0.0516 -0.0050 -0.0039 0.0038  107 CYS A O   
129 C CB  . CYS A 7  ? 0.0379 0.0302 0.0372 -0.0063 -0.0009 0.0084  107 CYS A CB  
130 S SG  . CYS A 7  ? 0.0514 0.0345 0.0378 -0.0028 -0.0047 -0.0021 107 CYS A SG  
135 N N   . LEU A 8  ? 0.0368 0.0178 0.0530 -0.0126 0.0086  -0.0034 108 LEU A N   
136 C CA  . LEU A 8  ? 0.0429 0.0203 0.0612 -0.0045 0.0070  -0.0040 108 LEU A CA  
137 C C   . LEU A 8  ? 0.0290 0.0146 0.0683 -0.0014 0.0083  0.0006  108 LEU A C   
138 O O   . LEU A 8  ? 0.0422 0.0278 0.0813 -0.0122 0.0083  -0.0044 108 LEU A O   
139 C CB  . LEU A 8  ? 0.0438 0.0309 0.0564 -0.0132 0.0075  -0.0087 108 LEU A CB  
140 C CG  . LEU A 8  ? 0.0787 0.0431 0.0684 -0.0156 0.0288  -0.0044 108 LEU A CG  
141 C CD1 . LEU A 8  ? 0.0676 0.0544 0.0835 -0.0153 0.0316  -0.0316 108 LEU A CD1 
142 C CD2 . LEU A 8  ? 0.0721 0.0863 0.0563 -0.0043 0.0060  0.0013  108 LEU A CD2 
154 N N   . LYS A 9  ? 0.0372 0.0203 0.0632 -0.0058 0.0043  0.0086  109 LYS A N   
155 C CA  . LYS A 9  ? 0.0452 0.0381 0.0721 -0.0067 -0.0126 0.0230  109 LYS A CA  
156 C C   . LYS A 9  ? 0.0466 0.0349 0.0470 -0.0097 -0.0055 0.0075  109 LYS A C   
157 O O   . LYS A 9  ? 0.0517 0.0404 0.0818 -0.0142 -0.0044 0.0232  109 LYS A O   
158 C CB  . LYS A 9  ? 0.0484 0.0908 0.0811 -0.0241 -0.0252 0.0252  109 LYS A CB  
159 C CG  . LYS A 9  ? 0.1039 0.2081 0.0745 -0.0576 -0.0191 0.0336  109 LYS A CG  
164 N N   . CYS A 10 ? 0.0358 0.0262 0.0460 -0.0134 0.0022  0.0009  110 CYS A N   
165 C CA  . CYS A 10 ? 0.0359 0.0350 0.0354 -0.0117 -0.0028 0.0033  110 CYS A CA  
166 C C   . CYS A 10 ? 0.0357 0.0212 0.0470 -0.0071 -0.0003 0.0060  110 CYS A C   
167 O O   . CYS A 10 ? 0.0410 0.0372 0.0550 -0.0195 0.0119  0.0048  110 CYS A O   
168 C CB  . CYS A 10 ? 0.0362 0.0336 0.0518 -0.0134 0.0082  -0.0066 110 CYS A CB  
169 S SG  . CYS A 10 ? 0.0363 0.0265 0.0717 -0.0095 0.0101  -0.0007 110 CYS A SG  
174 N N   . LEU A 11 ? 0.0380 0.0239 0.0424 -0.0169 -0.0008 0.0030  111 LEU A N   
175 C CA  . LEU A 11 ? 0.0282 0.0276 0.0477 -0.0068 0.0018  -0.0078 111 LEU A CA  
176 C C   . LEU A 11 ? 0.0434 0.0287 0.0676 -0.0200 -0.0057 0.0091  111 LEU A C   
177 O O   . LEU A 11 ? 0.0448 0.0263 0.0781 -0.0155 -0.0100 0.0047  111 LEU A O   
178 C CB  . LEU A 11 ? 0.0592 0.0182 0.0441 -0.0039 0.0034  -0.0104 111 LEU A CB  
179 C CG  . LEU A 11 ? 0.0568 0.0279 0.0385 -0.0031 -0.0050 -0.0114 111 LEU A CG  
180 C CD1 . LEU A 11 ? 0.1034 0.0552 0.0528 -0.0152 0.0127  0.0042  111 LEU A CD1 
181 C CD2 . LEU A 11 ? 0.0575 0.0497 0.0622 0.0004  -0.0212 -0.0036 111 LEU A CD2 
193 N N   . LEU A 12 ? 0.0411 0.0169 0.0879 -0.0085 -0.0088 0.0027  112 LEU A N   
194 C CA  . LEU A 12 ? 0.0576 0.0189 0.1155 -0.0114 -0.0133 0.0134  112 LEU A CA  
195 C C   . LEU A 12 ? 0.0456 0.0423 0.1227 -0.0238 -0.0158 0.0287  112 LEU A C   
196 O O   . LEU A 12 ? 0.0895 0.0547 0.1283 -0.0077 0.0013  0.0110  112 LEU A O   
197 C CB  . LEU A 12 ? 0.0544 0.0188 0.0854 -0.0030 -0.0168 -0.0043 112 LEU A CB  
198 C CG  . LEU A 12 ? 0.0783 0.0334 0.0812 0.0032  -0.0137 -0.0073 112 LEU A CG  
199 C CD1 . LEU A 12 ? 0.0947 0.0814 0.0978 -0.0313 0.0104  -0.0141 112 LEU A CD1 
200 C CD2 . LEU A 12 ? 0.0761 0.0991 0.1084 0.0140  -0.0183 -0.0516 112 LEU A CD2 
212 N N   . NH2 A 13 ? 0.0629 0.0222 0.1177 -0.0096 -0.0066 0.0234  113 NH2 A N   
215 C CAA . O65 B 1  ? 0.0419 0.0307 0.0453 0.0073  0.0044  0.0049  101 O65 B CAA 
216 C CAB . O65 B 1  ? 0.0254 0.0331 0.0499 0.0062  0.0003  0.0034  101 O65 B CAB 
217 C CAC . O65 B 1  ? 0.0276 0.0258 0.0418 0.0032  -0.0015 0.0049  101 O65 B CAC 
218 C CAD . O65 B 1  ? 0.0304 0.0336 0.0539 0.0021  0.0041  0.0052  101 O65 B CAD 
219 C CAE . O65 B 1  ? 0.0234 0.0288 0.0576 0.0003  -0.0058 0.0071  101 O65 B CAE 
220 C CAF . O65 B 1  ? 0.0325 0.0303 0.0565 -0.0016 -0.0002 0.0010  101 O65 B CAF 
221 C CAG . O65 B 1  ? 0.0405 0.0299 0.0460 0.0034  0.0001  -0.0051 101 O65 B CAG 
222 C CAH . O65 B 1  ? 0.0459 0.0427 0.0451 -0.0075 0.0052  -0.0028 101 O65 B CAH 
223 C CAJ . O65 B 1  ? 0.0302 0.0275 0.0524 -0.0026 -0.0053 0.0003  101 O65 B CAJ 
224 C CAM . O65 B 1  ? 0.0352 0.0342 0.0550 -0.0027 -0.0111 0.0059  101 O65 B CAM 
225 O OAK . O65 B 1  ? 0.0470 0.0351 0.0516 -0.0062 -0.0013 0.0026  101 O65 B OAK 
235 N N   . LYS B 2  ? 0.0390 0.0305 0.0587 -0.0051 -0.0057 -0.0002 102 LYS B N   
236 C CA  . LYS B 2  ? 0.0432 0.0252 0.0665 -0.0042 -0.0107 0.0002  102 LYS B CA  
237 C C   . LYS B 2  ? 0.0488 0.0240 0.0720 -0.0047 -0.0077 -0.0015 102 LYS B C   
238 O O   . LYS B 2  ? 0.0539 0.0625 0.3125 -0.0052 -0.0297 -0.0944 102 LYS B O   
239 C CB  . LYS B 2  ? 0.0696 0.0319 0.0673 -0.0134 -0.0179 0.0024  102 LYS B CB  
240 C CG  . LYS B 2  ? 0.0762 0.0419 0.0950 0.0050  -0.0415 -0.0071 102 LYS B CG  
241 C CD  . LYS B 2  ? 0.0726 0.0347 0.0928 0.0084  -0.0300 -0.0045 102 LYS B CD  
242 C CE  . LYS B 2  ? 0.1390 0.0366 0.0882 -0.0221 -0.0184 0.0031  102 LYS B CE  
243 N NZ  . LYS B 2  ? 0.0891 0.0347 0.0859 -0.0062 -0.0144 0.0000  102 LYS B NZ  
257 N N   . LYS B 3  ? 0.0473 0.0177 0.0635 -0.0082 -0.0253 -0.0008 103 LYS B N   
258 C CA  . LYS B 3  ? 0.0449 0.0279 0.0779 -0.0120 -0.0215 0.0191  103 LYS B CA  
259 C C   . LYS B 3  ? 0.0485 0.0224 0.0530 -0.0051 -0.0149 0.0070  103 LYS B C   
260 O O   . LYS B 3  ? 0.0537 0.0294 0.0810 -0.0195 -0.0292 0.0145  103 LYS B O   
261 C CB  . LYS B 3  ? 0.0486 0.0581 0.0661 -0.0179 -0.0139 0.0163  103 LYS B CB  
262 C CG  . LYS B 3  ? 0.0679 0.0360 0.0705 -0.0078 -0.0125 0.0028  103 LYS B CG  
263 C CD  . LYS B 3  ? 0.0619 0.0618 0.0833 0.0003  -0.0014 0.0226  103 LYS B CD  
264 C CE  . LYS B 3  ? 0.0918 0.0812 0.0942 -0.0128 -0.0245 0.0424  103 LYS B CE  
265 N NZ  . LYS B 3  ? 0.1448 0.1396 0.0799 -0.0327 -0.0054 0.0444  103 LYS B NZ  
279 N N   . LEU B 4  ? 0.0274 0.0278 0.0558 -0.0074 -0.0091 0.0085  104 LEU B N   
280 C CA  . LEU B 4  ? 0.0425 0.0297 0.0467 -0.0035 -0.0034 0.0006  104 LEU B CA  
281 C C   . LEU B 4  ? 0.0311 0.0312 0.0453 -0.0009 -0.0113 0.0105  104 LEU B C   
282 O O   . LEU B 4  ? 0.0357 0.0322 0.0572 -0.0109 -0.0125 0.0101  104 LEU B O   
283 C CB  . LEU B 4  ? 0.0675 0.0335 0.0640 -0.0233 -0.0196 0.0047  104 LEU B CB  
284 C CG  . LEU B 4  ? 0.0741 0.0553 0.0529 -0.0101 -0.0184 -0.0055 104 LEU B CG  
285 C CD1 . LEU B 4  ? 0.0923 0.0799 0.0805 -0.0320 -0.0100 0.0221  104 LEU B CD1 
286 C CD2 . LEU B 4  ? 0.0979 0.0443 0.0648 -0.0239 -0.0303 0.0032  104 LEU B CD2 
298 N N   . LEU B 5  ? 0.0343 0.0335 0.0544 -0.0077 -0.0018 0.0039  105 LEU B N   
299 C CA  . LEU B 5  ? 0.0407 0.0355 0.0790 0.0019  -0.0055 0.0072  105 LEU B CA  
300 C C   . LEU B 5  ? 0.0320 0.0307 0.0729 0.0051  0.0019  0.0003  105 LEU B C   
301 O O   . LEU B 5  ? 0.0523 0.0370 0.0699 -0.0053 -0.0146 -0.0063 105 LEU B O   
302 C CB  . LEU B 5  ? 0.0411 0.0556 0.1111 -0.0074 -0.0016 -0.0153 105 LEU B CB  
303 C CG  . LEU B 5  ? 0.0443 0.0961 0.1242 0.0118  -0.0135 -0.0260 105 LEU B CG  
304 C CD1 . LEU B 5  ? 0.0487 0.2880 0.2565 -0.0239 0.0363  -0.1211 105 LEU B CD1 
305 C CD2 . LEU B 5  ? 0.1005 0.1052 0.1830 -0.0134 -0.0734 0.0374  105 LEU B CD2 
317 N N   . LYS B 6  ? 0.0329 0.0339 0.0649 -0.0065 0.0061  0.0028  106 LYS B N   
318 C CA  . LYS B 6  ? 0.0497 0.0225 0.0549 0.0032  0.0081  -0.0107 106 LYS B CA  
319 C C   . LYS B 6  ? 0.0313 0.0343 0.0386 -0.0114 -0.0158 0.0024  106 LYS B C   
320 O O   . LYS B 6  ? 0.0471 0.0304 0.0414 -0.0067 -0.0081 -0.0035 106 LYS B O   
321 C CB  . LYS B 6  ? 0.0719 0.0615 0.0385 -0.0217 -0.0089 0.0079  106 LYS B CB  
322 C CG  . LYS B 6  ? 0.0832 0.1593 0.0427 -0.0620 -0.0102 0.0156  106 LYS B CG  
323 C CD  . LYS B 6  ? 0.1320 0.1586 0.0647 -0.0805 -0.0179 0.0390  106 LYS B CD  
324 C CE  . LYS B 6  ? 0.1146 0.1534 0.0767 -0.0473 -0.0217 0.0218  106 LYS B CE  
325 N NZ  . LYS B 6  ? 0.0975 0.4167 0.2368 -0.0446 -0.0159 -0.1931 106 LYS B NZ  
339 N N   . CYS B 7  ? 0.0355 0.0234 0.0454 -0.0117 -0.0047 -0.0028 107 CYS B N   
340 C CA  . CYS B 7  ? 0.0253 0.0297 0.0494 -0.0042 -0.0066 0.0053  107 CYS B CA  
341 C C   . CYS B 7  ? 0.0346 0.0261 0.0401 -0.0018 0.0027  -0.0009 107 CYS B C   
342 O O   . CYS B 7  ? 0.0297 0.0221 0.0619 -0.0027 -0.0055 0.0030  107 CYS B O   
343 C CB  . CYS B 7  ? 0.0418 0.0326 0.0434 0.0059  -0.0078 0.0011  107 CYS B CB  
344 S SG  . CYS B 7  ? 0.0617 0.0422 0.0376 -0.0054 -0.0017 0.0019  107 CYS B SG  
349 N N   . LEU B 8  ? 0.0414 0.0262 0.0523 -0.0154 -0.0151 0.0046  108 LEU B N   
350 C CA  . LEU B 8  ? 0.0497 0.0308 0.0546 -0.0111 -0.0097 0.0122  108 LEU B CA  
351 C C   . LEU B 8  ? 0.0391 0.0309 0.0662 -0.0037 -0.0200 0.0019  108 LEU B C   
352 O O   . LEU B 8  ? 0.0502 0.0309 0.0817 -0.0126 -0.0256 0.0167  108 LEU B O   
353 C CB  . LEU B 8  ? 0.0475 0.0301 0.0617 0.0007  -0.0147 -0.0029 108 LEU B CB  
354 C CG  . LEU B 8  ? 0.0581 0.1030 0.0787 0.0066  -0.0251 -0.0308 108 LEU B CG  
355 C CD1 . LEU B 8  ? 0.0661 0.1731 0.1546 0.0017  -0.0539 -0.0828 108 LEU B CD1 
356 C CD2 . LEU B 8  ? 0.2027 0.1327 0.0648 -0.0307 -0.0227 -0.0111 108 LEU B CD2 
368 N N   . LYS B 9  ? 0.0432 0.0223 0.0722 -0.0044 -0.0119 0.0006  109 LYS B N   
369 C CA  . LYS B 9  ? 0.0568 0.0327 0.0789 0.0043  -0.0157 -0.0075 109 LYS B CA  
370 C C   . LYS B 9  ? 0.0588 0.0336 0.0576 -0.0129 -0.0183 0.0026  109 LYS B C   
371 O O   . LYS B 9  ? 0.0704 0.0198 0.0891 -0.0049 -0.0057 -0.0088 109 LYS B O   
372 C CB  . LYS B 9  ? 0.0526 0.0575 0.1072 0.0064  0.0128  -0.0223 109 LYS B CB  
373 C CG  . LYS B 9  ? 0.1656 0.2146 0.0895 -0.0363 -0.0180 -0.0605 109 LYS B CG  
378 N N   . CYS B 10 ? 0.0564 0.0230 0.0552 -0.0136 -0.0199 0.0031  110 CYS B N   
379 C CA  . CYS B 10 ? 0.0551 0.0381 0.0470 -0.0165 -0.0138 -0.0004 110 CYS B CA  
380 C C   . CYS B 10 ? 0.0659 0.0253 0.0558 -0.0214 -0.0200 0.0058  110 CYS B C   
381 O O   . CYS B 10 ? 0.0737 0.0676 0.0594 -0.0454 -0.0351 0.0197  110 CYS B O   
382 C CB  . CYS B 10 ? 0.0385 0.0381 0.0439 -0.0137 -0.0174 0.0069  110 CYS B CB  
383 S SG  . CYS B 10 ? 0.0383 0.0365 0.0509 -0.0160 -0.0108 0.0061  110 CYS B SG  
388 N N   . LEU B 11 ? 0.0465 0.0254 0.0544 -0.0162 -0.0175 0.0112  111 LEU B N   
389 C CA  . LEU B 11 ? 0.0486 0.0353 0.0515 -0.0099 -0.0137 0.0090  111 LEU B CA  
390 C C   . LEU B 11 ? 0.0504 0.0313 0.0681 -0.0216 -0.0302 0.0101  111 LEU B C   
391 O O   . LEU B 11 ? 0.0446 0.0354 0.0758 -0.0115 -0.0110 0.0101  111 LEU B O   
392 C CB  . LEU B 11 ? 0.0670 0.0407 0.0521 -0.0230 -0.0249 0.0171  111 LEU B CB  
393 C CG  . LEU B 11 ? 0.0708 0.0415 0.0412 -0.0243 0.0017  0.0046  111 LEU B CG  
394 C CD1 . LEU B 11 ? 0.1076 0.0583 0.0389 -0.0137 -0.0050 0.0029  111 LEU B CD1 
395 C CD2 . LEU B 11 ? 0.0712 0.0559 0.0771 -0.0134 0.0170  -0.0001 111 LEU B CD2 
407 N N   . LEU B 12 ? 0.0469 0.0266 0.0950 -0.0155 -0.0126 0.0175  112 LEU B N   
408 C CA  . LEU B 12 ? 0.0524 0.0291 0.0963 -0.0113 -0.0171 0.0231  112 LEU B CA  
409 C C   . LEU B 12 ? 0.0473 0.0340 0.1190 -0.0104 -0.0142 0.0077  112 LEU B C   
410 O O   . LEU B 12 ? 0.0825 0.0574 0.1154 -0.0128 -0.0081 0.0131  112 LEU B O   
411 C CB  . LEU B 12 ? 0.0549 0.0446 0.1249 -0.0099 -0.0299 0.0367  112 LEU B CB  
412 C CG  . LEU B 12 ? 0.0618 0.0546 0.1273 -0.0088 -0.0412 0.0303  112 LEU B CG  
413 C CD1 . LEU B 12 ? 0.0785 0.0864 0.1602 -0.0150 -0.0733 0.0414  112 LEU B CD1 
414 C CD2 . LEU B 12 ? 0.1217 0.0942 0.1097 -0.0237 -0.0551 0.0402  112 LEU B CD2 
426 N N   . NH2 B 13 ? 0.0585 0.0193 0.1131 -0.0167 -0.0089 0.0062  113 NH2 B N   
429 C C1  . CIT C .  ? 0.0452 0.0189 0.0233 -0.0218 -0.0065 -0.0054 201 CIT A C1  
430 O O1  . CIT C .  ? 0.0423 0.0257 0.0464 -0.0141 0.0079  -0.0031 201 CIT A O1  
431 O O2  . CIT C .  ? 0.0500 0.0244 0.0221 -0.0132 0.0016  0.0024  201 CIT A O2  
432 C C2  . CIT C .  ? 0.0552 0.0269 0.0219 -0.0157 0.0085  0.0017  201 CIT A C2  
433 C C3  . CIT C .  ? 0.0528 0.0234 0.0146 -0.0165 0.0009  0.0048  201 CIT A C3  
434 O O7  . CIT C .  ? 0.0540 0.0194 0.0116 -0.0123 -0.0093 0.0049  201 CIT A O7  
435 C C4  . CIT C .  ? 0.0427 0.0293 0.0342 -0.0234 -0.0064 0.0061  201 CIT A C4  
436 C C5  . CIT C .  ? 0.0410 0.0199 0.0386 -0.0213 -0.0015 -0.0006 201 CIT A C5  
437 O O3  . CIT C .  ? 0.0543 0.0328 0.0460 -0.0182 -0.0095 -0.0002 201 CIT A O3  
438 O O4  . CIT C .  ? 0.0504 0.0337 0.0375 -0.0240 -0.0082 0.0022  201 CIT A O4  
439 C C6  . CIT C .  ? 0.0611 0.0323 0.0225 -0.0297 -0.0022 0.0050  201 CIT A C6  
440 O O5  . CIT C .  ? 0.0810 0.0448 0.0382 -0.0271 0.0222  0.0067  201 CIT A O5  
441 O O6  . CIT C .  ? 0.0757 0.0259 0.0232 -0.0270 0.0009  0.0150  201 CIT A O6  
447 C C1  . CIT D .  ? 0.0568 0.0237 0.0214 -0.0158 0.0022  0.0052  201 CIT B C1  
448 O O1  . CIT D .  ? 0.0763 0.0345 0.0834 -0.0106 -0.0318 -0.0066 201 CIT B O1  
449 O O2  . CIT D .  ? 0.0610 0.0382 0.0395 -0.0150 -0.0013 -0.0115 201 CIT B O2  
450 C C2  . CIT D .  ? 0.0581 0.0202 0.0275 -0.0175 -0.0093 0.0098  201 CIT B C2  
451 C C3  . CIT D .  ? 0.0616 0.0198 0.0157 -0.0135 -0.0025 0.0034  201 CIT B C3  
452 O O7  . CIT D .  ? 0.0613 0.0209 0.0134 -0.0197 -0.0179 0.0015  201 CIT B O7  
453 C C4  . CIT D .  ? 0.0667 0.0322 0.0213 -0.0109 -0.0016 0.0034  201 CIT B C4  
454 C C5  . CIT D .  ? 0.0370 0.0301 0.0319 -0.0097 0.0043  0.0056  201 CIT B C5  
455 O O3  . CIT D .  ? 0.0620 0.0318 0.0291 -0.0164 -0.0059 0.0044  201 CIT B O3  
456 O O4  . CIT D .  ? 0.1153 0.0374 0.0276 -0.0321 -0.0140 0.0077  201 CIT B O4  
457 C C6  . CIT D .  ? 0.0739 0.0172 0.0149 -0.0239 -0.0202 0.0117  201 CIT B C6  
458 O O5  . CIT D .  ? 0.0727 0.0388 0.0316 -0.0267 -0.0232 0.0095  201 CIT B O5  
459 O O6  . CIT D .  ? 0.0738 0.0238 0.0141 -0.0229 -0.0185 -0.0027 201 CIT B O6  
465 O O   . HOH E .  ? 0.0487 0.0676 0.0566 -0.0129 -0.0032 0.0179  301 HOH A O   
466 O O   . HOH E .  ? 0.1046 0.1401 0.1454 0.0093  0.0447  0.0553  302 HOH A O   
467 O O   . HOH E .  ? 0.1094 0.1295 0.0865 -0.0408 0.0246  -0.0017 303 HOH A O   
468 O O   . HOH E .  ? 0.1642 0.1504 0.0462 -0.1064 0.0112  -0.0114 304 HOH A O   
469 O O   . HOH E .  ? 0.0965 0.0578 0.0553 -0.0219 0.0059  -0.0073 305 HOH A O   
470 O O   . HOH E .  ? 0.0657 0.1324 0.1391 -0.0088 0.0163  0.0286  306 HOH A O   
471 O O   . HOH E .  ? 0.0925 0.0595 0.1569 -0.0054 0.0217  0.0056  307 HOH A O   
472 O O   . HOH E .  ? 0.0749 0.0476 0.0339 -0.0187 -0.0086 0.0033  308 HOH A O   
473 O O   . HOH F .  ? 0.1176 0.0798 0.1087 -0.0447 -0.0432 -0.0087 301 HOH B O   
474 O O   . HOH F .  ? 0.1167 0.1003 0.0671 -0.0399 -0.0220 -0.0085 302 HOH B O   
475 O O   . HOH F .  ? 0.1086 0.0734 0.1052 -0.0109 0.0137  -0.0010 303 HOH B O   
476 O O   . HOH F .  ? 0.1007 0.0537 0.0699 0.0132  0.0035  0.0088  304 HOH B O   
477 O O   . HOH F .  ? 0.1132 0.0719 0.1419 -0.0069 -0.0625 -0.0018 305 HOH B O   
# 
